data_8WCA
#
_entry.id   8WCA
#
loop_
_entity.id
_entity.type
_entity.pdbx_description
1 polymer 'Guanine nucleotide-binding protein G(I)/G(S)/G(T) subunit beta-1'
2 polymer 'Guanine nucleotide-binding protein G(s) subunit alpha isoforms short'
3 polymer 'Trace amine-associated receptor 1'
4 polymer scFv16
5 polymer 'Guanine nucleotide-binding protein G(I)/G(S)/G(O) subunit gamma-2'
6 non-polymer 2-PHENYLETHYLAMINE
#
loop_
_entity_poly.entity_id
_entity_poly.type
_entity_poly.pdbx_seq_one_letter_code
_entity_poly.pdbx_strand_id
1 'polypeptide(L)'
;MGSLLQSELDQLRQEAEQLKNQIRDARKACADATLSQITNNIDPVGRIQMRTRRTLRGHLAKIYAMHWGTDSRLLVSASQ
DGKLIIWDSYTTNKVHAIPLRSSWVMTCAYAPSGNYVACGGLDNICSIYNLKTREGNVRVSRELAGHTGYLSCCRFLDDN
QIVTSSGDTTCALWDIETGQQTTTFTGHTGDVMSLSLAPDTRLFVSGACDASAKLWDVREGMCRQTFTGHESDINAICFF
PNGNAFATGSDDATCRLFDLRADQELMTYSHDNIICGITSVSFSKSGRLLLAGYDDFNCNVWDALKADRAGVLAGHDNRV
SCLGVTDDGMAVATGSWDSFLKIWN
;
B
2 'polypeptide(L)'
;MMGCTLSAEDKAAVERSKMIEKQLQKDKQVYRATHRLLLLGADNSGKSTIVKQMRIYHVNGYSEEECKQYKAVVYSNTIQ
SIIAIIRAMGRLKIDFGDSARADDARQLFVLAGAAEEGFMTAELAGVIKRLWKDSGVQACFNRSREYQLNDSAAYYLNDL
DRIAQPNYIPTQQDVLRTRVKTSGIFETKFQVDKVNFHMFDVGAQRDERRKWIQCFNDVTAIIFVVDSSDYNRLQEALND
FKSIWNNRWLRTISVILFLNKQDLLAEKVLAGKSKIEDYFPEFARYTTPEDATPEPGEDPRVTRAKYFIRDEFLRISTAS
GDGRHYCYPHFTCSVDTENARRIFNDCRDIIQRMHLRQYELL
;
C
3 'polypeptide(L)'
;MMPFCHNIINISCVKNNWSNDVRASLYSLMVLIILTTLVGNLIVIVSISHFKQLHTPTNWLIHSMATVDFLLGCLVMPYS
MVRSAEHCWYFGEVFCKIHTSTDIMLSSASIFHLSFISIDRYYAVCDPLRYKAKMNILVICVMIFISWSVPAVFAFGMIF
LELNFKGAEEIYYKHVHCRGGCSVFFSKISGVLTFMTSFYIPGSIMLCVYYRIYLIAKEQARLISDANQKLQIGLEMKNG
ISQSKERKAVKTLGIVMGVFLICWCPFFICTVMDPFLHYIIPPTLNDVLIWFGYLNSTFNPMVYAFFYPWFRKALKMMLF
GKIFQKDSSRCKLFLELSS
;
R
4 'polypeptide(L)'
;MLLVNQSHQGFNKEHTSKMVSAIVLYVLLAAAAHSAFAVQLVESGGGLVQPGGSRKLSCSASGFAFSSFGMHWVRQAPEK
GLEWVAYISSGSGTIYYADTVKGRFTISRDDPKNTLFLQMTSLRSEDTAMYYCVRSIYYYGSSPFDFWGQGTTLTVSAGG
GGSGGGGSGGGGSADIVMTQATSSVPVTPGESVSISCRSSKSLLHSNGNTYLYWFLQRPGQSPQLLIYRMSNLASGVPDR
FSGSGSGTAFTLTISRLEAEDVGVYYCMQHLEYPLTFGAGTKLEL
;
S
5 'polypeptide(L)' MASNNTASIAQARKLVEQLKMEANIDRIKVSKAAADLMAYCEAHAKEDPLLTPVPASENPFREKKFFCAIL Y
#
loop_
_chem_comp.id
_chem_comp.type
_chem_comp.name
_chem_comp.formula
PEA non-polymer 2-PHENYLETHYLAMINE 'C8 H12 N 1'
#
# COMPACT_ATOMS: atom_id res chain seq x y z
N GLN A 18 -16.68 47.98 17.74
CA GLN A 18 -15.62 47.60 18.66
C GLN A 18 -15.99 46.32 19.42
N LEU A 19 -16.77 45.46 18.77
CA LEU A 19 -17.16 44.20 19.39
C LEU A 19 -15.95 43.31 19.63
N LYS A 20 -15.03 43.26 18.66
CA LYS A 20 -13.82 42.46 18.82
C LYS A 20 -12.97 42.98 19.97
N ASN A 21 -12.85 44.30 20.10
CA ASN A 21 -12.09 44.87 21.21
C ASN A 21 -12.73 44.53 22.55
N GLN A 22 -14.06 44.60 22.62
CA GLN A 22 -14.75 44.25 23.86
C GLN A 22 -14.55 42.78 24.20
N ILE A 23 -14.60 41.90 23.20
CA ILE A 23 -14.39 40.47 23.43
C ILE A 23 -12.96 40.23 23.92
N ARG A 24 -11.98 40.90 23.32
CA ARG A 24 -10.59 40.75 23.75
C ARG A 24 -10.41 41.25 25.18
N ASP A 25 -11.04 42.38 25.52
CA ASP A 25 -10.93 42.89 26.88
C ASP A 25 -11.56 41.94 27.89
N ALA A 26 -12.72 41.37 27.54
CA ALA A 26 -13.36 40.40 28.43
C ALA A 26 -12.50 39.16 28.60
N ARG A 27 -11.89 38.68 27.51
CA ARG A 27 -11.01 37.52 27.60
C ARG A 27 -9.79 37.82 28.47
N LYS A 28 -9.22 39.01 28.33
CA LYS A 28 -8.08 39.39 29.17
C LYS A 28 -8.49 39.47 30.64
N ALA A 29 -9.67 40.03 30.91
CA ALA A 29 -10.15 40.11 32.29
C ALA A 29 -10.39 38.73 32.89
N CYS A 30 -10.93 37.80 32.10
CA CYS A 30 -11.21 36.46 32.59
C CYS A 30 -9.96 35.62 32.79
N ALA A 31 -8.81 36.08 32.33
CA ALA A 31 -7.57 35.32 32.45
C ALA A 31 -6.89 35.65 33.78
N ASP A 32 -6.53 34.61 34.52
CA ASP A 32 -5.88 34.76 35.82
C ASP A 32 -4.51 34.11 35.89
N ALA A 33 -4.34 32.93 35.30
CA ALA A 33 -3.07 32.23 35.36
C ALA A 33 -2.97 31.26 34.18
N THR A 34 -1.75 30.81 33.92
CA THR A 34 -1.47 29.87 32.85
C THR A 34 -1.44 28.44 33.39
N LEU A 35 -1.46 27.49 32.45
CA LEU A 35 -1.45 26.08 32.84
C LEU A 35 -0.11 25.67 33.46
N SER A 36 0.97 26.35 33.10
CA SER A 36 2.27 25.99 33.66
C SER A 36 2.31 26.24 35.17
N GLN A 37 1.78 27.38 35.61
CA GLN A 37 1.80 27.70 37.04
C GLN A 37 0.94 26.71 37.82
N ILE A 38 -0.22 26.34 37.28
CA ILE A 38 -1.11 25.42 37.97
C ILE A 38 -0.51 24.01 38.00
N THR A 39 0.09 23.58 36.89
CA THR A 39 0.56 22.22 36.74
C THR A 39 2.00 22.00 37.19
N ASN A 40 2.69 23.05 37.65
CA ASN A 40 4.04 22.87 38.16
C ASN A 40 4.09 22.02 39.43
N ASN A 41 2.97 21.86 40.13
CA ASN A 41 2.93 21.12 41.39
C ASN A 41 2.56 19.65 41.20
N ILE A 42 2.81 19.09 40.01
CA ILE A 42 2.52 17.69 39.73
C ILE A 42 3.80 17.05 39.19
N ASP A 43 4.13 15.87 39.72
CA ASP A 43 5.31 15.16 39.26
C ASP A 43 5.14 14.76 37.80
N PRO A 44 6.10 15.03 36.92
CA PRO A 44 5.94 14.73 35.51
C PRO A 44 6.13 13.24 35.22
N VAL A 45 5.67 12.85 34.03
CA VAL A 45 5.88 11.49 33.54
C VAL A 45 7.29 11.45 32.93
N GLY A 46 8.15 10.63 33.50
CA GLY A 46 9.55 10.61 33.13
C GLY A 46 9.82 10.25 31.70
N ARG A 47 9.48 9.01 31.31
CA ARG A 47 9.72 8.56 29.95
C ARG A 47 8.71 7.47 29.61
N ILE A 48 8.29 7.46 28.35
CA ILE A 48 7.37 6.47 27.82
C ILE A 48 7.99 5.91 26.54
N GLN A 49 8.18 4.60 26.50
CA GLN A 49 8.79 3.93 25.36
C GLN A 49 7.78 2.96 24.75
N MET A 50 7.51 3.14 23.46
CA MET A 50 6.57 2.30 22.74
C MET A 50 7.25 1.74 21.49
N ARG A 51 6.97 0.47 21.19
CA ARG A 51 7.58 -0.21 20.07
C ARG A 51 6.51 -0.90 19.24
N THR A 52 6.88 -1.20 18.00
CA THR A 52 5.94 -1.83 17.07
C THR A 52 5.57 -3.23 17.55
N ARG A 53 4.46 -3.69 17.01
CA ARG A 53 3.98 -4.99 17.35
C ARG A 53 3.39 -5.57 16.12
N ARG A 54 3.59 -4.93 14.97
CA ARG A 54 3.13 -5.44 13.68
C ARG A 54 3.49 -4.47 12.59
N THR A 55 3.35 -4.86 11.34
CA THR A 55 3.40 -3.94 10.23
C THR A 55 2.28 -4.44 9.33
N LEU A 56 1.25 -3.61 9.18
CA LEU A 56 0.10 -3.97 8.37
C LEU A 56 0.44 -3.46 6.99
N ARG A 57 0.89 -4.35 6.13
CA ARG A 57 1.34 -3.90 4.80
C ARG A 57 0.71 -4.33 3.55
N HIS A 59 -1.12 -1.61 0.63
CA HIS A 59 -1.70 -0.67 -0.31
C HIS A 59 -0.62 -0.06 -1.20
N LEU A 60 -0.86 -0.08 -2.52
CA LEU A 60 0.08 0.42 -3.52
C LEU A 60 0.53 1.89 -3.45
N ALA A 61 -0.43 2.80 -3.32
CA ALA A 61 -0.13 4.22 -3.30
C ALA A 61 -0.03 4.60 -1.79
N LYS A 62 0.02 5.92 -1.60
CA LYS A 62 0.10 6.44 -0.26
C LYS A 62 -1.23 6.36 0.42
N ILE A 63 -1.21 6.35 1.73
CA ILE A 63 -2.41 6.24 2.54
C ILE A 63 -2.84 7.64 2.97
N TYR A 64 -4.13 7.96 2.82
CA TYR A 64 -4.60 9.29 3.17
C TYR A 64 -5.48 9.34 4.42
N ALA A 65 -5.99 8.22 4.90
CA ALA A 65 -6.82 8.25 6.10
C ALA A 65 -6.90 6.86 6.70
N MET A 66 -7.38 6.81 7.94
CA MET A 66 -7.71 5.56 8.62
C MET A 66 -8.63 5.90 9.78
N HIS A 67 -9.34 4.87 10.27
CA HIS A 67 -10.30 5.08 11.34
C HIS A 67 -10.51 3.77 12.09
N TRP A 68 -10.38 3.81 13.41
CA TRP A 68 -10.58 2.63 14.22
C TRP A 68 -12.06 2.27 14.32
N GLY A 69 -12.34 0.98 14.43
CA GLY A 69 -13.68 0.53 14.71
C GLY A 69 -14.04 0.69 16.18
N THR A 70 -15.33 0.53 16.48
CA THR A 70 -15.78 0.63 17.85
C THR A 70 -15.46 -0.60 18.68
N ASP A 71 -15.18 -1.73 18.03
CA ASP A 71 -14.83 -2.96 18.74
C ASP A 71 -13.36 -3.03 19.11
N SER A 72 -12.58 -2.01 18.76
CA SER A 72 -11.16 -1.93 19.09
C SER A 72 -10.34 -3.05 18.47
N ARG A 73 -10.87 -3.72 17.46
CA ARG A 73 -10.18 -4.81 16.79
C ARG A 73 -9.99 -4.57 15.30
N LEU A 74 -10.97 -3.96 14.64
CA LEU A 74 -10.90 -3.73 13.21
C LEU A 74 -10.50 -2.28 12.92
N LEU A 75 -9.99 -2.07 11.70
CA LEU A 75 -9.64 -0.74 11.23
C LEU A 75 -9.78 -0.72 9.71
N VAL A 76 -9.95 0.49 9.17
CA VAL A 76 -10.19 0.70 7.75
C VAL A 76 -9.20 1.75 7.24
N SER A 77 -8.62 1.49 6.07
CA SER A 77 -7.63 2.40 5.50
C SER A 77 -7.96 2.69 4.03
N ALA A 78 -7.64 3.90 3.60
CA ALA A 78 -7.94 4.37 2.26
C ALA A 78 -6.68 4.90 1.59
N SER A 79 -6.48 4.54 0.32
CA SER A 79 -5.28 4.91 -0.40
C SER A 79 -5.62 5.58 -1.72
N GLN A 80 -4.64 6.30 -2.27
CA GLN A 80 -4.82 7.02 -3.53
C GLN A 80 -4.97 6.10 -4.73
N ASP A 81 -4.71 4.81 -4.57
CA ASP A 81 -5.00 3.86 -5.63
C ASP A 81 -6.48 3.83 -5.96
N GLY A 82 -7.32 4.25 -5.01
CA GLY A 82 -8.75 4.08 -5.14
C GLY A 82 -9.15 2.78 -4.47
N LYS A 83 -8.72 2.61 -3.21
CA LYS A 83 -8.85 1.34 -2.53
C LYS A 83 -9.12 1.56 -1.05
N LEU A 84 -10.11 0.84 -0.52
CA LEU A 84 -10.39 0.77 0.90
C LEU A 84 -10.13 -0.65 1.36
N ILE A 85 -9.37 -0.81 2.43
CA ILE A 85 -9.04 -2.13 2.98
C ILE A 85 -9.42 -2.17 4.44
N ILE A 86 -10.14 -3.21 4.84
CA ILE A 86 -10.56 -3.42 6.22
C ILE A 86 -9.71 -4.54 6.80
N TRP A 87 -8.88 -4.21 7.78
CA TRP A 87 -7.88 -5.13 8.30
C TRP A 87 -8.44 -5.93 9.47
N ASP A 88 -7.54 -6.63 10.17
CA ASP A 88 -7.84 -7.32 11.42
C ASP A 88 -6.60 -7.14 12.29
N SER A 89 -6.64 -6.15 13.19
CA SER A 89 -5.43 -5.68 13.85
C SER A 89 -4.78 -6.73 14.75
N TYR A 90 -5.53 -7.76 15.17
CA TYR A 90 -4.94 -8.75 16.07
C TYR A 90 -4.18 -9.82 15.29
N THR A 91 -4.78 -10.37 14.24
CA THR A 91 -4.19 -11.46 13.49
C THR A 91 -3.65 -11.02 12.13
N THR A 92 -3.61 -9.72 11.85
CA THR A 92 -2.99 -9.11 10.68
C THR A 92 -3.73 -9.43 9.38
N ASN A 93 -4.76 -10.28 9.42
CA ASN A 93 -5.44 -10.69 8.20
C ASN A 93 -6.26 -9.53 7.61
N LYS A 94 -6.70 -9.72 6.37
CA LYS A 94 -7.61 -8.81 5.71
C LYS A 94 -9.01 -9.41 5.67
N VAL A 95 -10.01 -8.54 5.73
CA VAL A 95 -11.41 -8.93 5.75
C VAL A 95 -12.13 -8.51 4.47
N HIS A 96 -12.04 -7.23 4.12
CA HIS A 96 -12.73 -6.69 2.96
C HIS A 96 -11.78 -5.79 2.18
N ALA A 97 -11.95 -5.79 0.85
CA ALA A 97 -11.20 -4.90 -0.04
C ALA A 97 -12.20 -4.31 -1.04
N ILE A 98 -12.45 -3.01 -0.94
CA ILE A 98 -13.45 -2.33 -1.74
C ILE A 98 -12.74 -1.43 -2.75
N PRO A 99 -12.97 -1.60 -4.05
CA PRO A 99 -12.44 -0.65 -5.02
C PRO A 99 -13.42 0.49 -5.27
N LEU A 100 -12.93 1.73 -5.16
CA LEU A 100 -13.80 2.88 -5.30
C LEU A 100 -14.03 3.23 -6.77
N ARG A 101 -15.07 4.03 -7.02
CA ARG A 101 -15.34 4.52 -8.37
C ARG A 101 -14.42 5.67 -8.74
N SER A 102 -14.03 6.49 -7.77
CA SER A 102 -13.11 7.60 -8.01
C SER A 102 -11.72 7.24 -7.52
N SER A 103 -10.71 7.59 -8.31
CA SER A 103 -9.34 7.22 -8.01
C SER A 103 -8.65 8.15 -7.04
N TRP A 104 -9.32 9.20 -6.56
CA TRP A 104 -8.73 10.15 -5.62
C TRP A 104 -9.63 10.25 -4.40
N VAL A 105 -9.17 9.70 -3.28
CA VAL A 105 -9.93 9.67 -2.03
C VAL A 105 -9.06 10.24 -0.92
N MET A 106 -9.66 11.05 -0.05
CA MET A 106 -8.92 11.71 1.01
C MET A 106 -9.36 11.33 2.41
N THR A 107 -10.62 10.94 2.61
CA THR A 107 -11.10 10.60 3.94
C THR A 107 -12.03 9.39 3.89
N CYS A 108 -11.97 8.60 4.96
CA CYS A 108 -12.85 7.45 5.14
C CYS A 108 -13.30 7.41 6.60
N ALA A 109 -14.48 6.84 6.82
CA ALA A 109 -15.08 6.79 8.14
C ALA A 109 -15.75 5.45 8.38
N TYR A 110 -15.60 4.92 9.59
CA TYR A 110 -16.16 3.65 10.00
C TYR A 110 -17.33 3.90 10.94
N ALA A 111 -18.45 3.25 10.66
CA ALA A 111 -19.67 3.50 11.43
C ALA A 111 -19.51 3.02 12.88
N PRO A 112 -20.16 3.69 13.83
CA PRO A 112 -20.11 3.22 15.23
C PRO A 112 -20.81 1.89 15.44
N SER A 113 -21.74 1.50 14.58
CA SER A 113 -22.43 0.23 14.70
C SER A 113 -21.78 -0.88 13.90
N GLY A 114 -20.68 -0.60 13.21
CA GLY A 114 -20.00 -1.62 12.42
C GLY A 114 -20.83 -2.15 11.27
N ASN A 115 -21.57 -1.28 10.59
CA ASN A 115 -22.42 -1.69 9.47
C ASN A 115 -22.06 -0.99 8.17
N TYR A 116 -21.78 0.31 8.21
CA TYR A 116 -21.49 1.09 7.02
C TYR A 116 -20.08 1.65 7.07
N VAL A 117 -19.57 2.03 5.90
CA VAL A 117 -18.37 2.86 5.80
C VAL A 117 -18.67 3.99 4.84
N ALA A 118 -17.92 5.08 4.98
CA ALA A 118 -18.09 6.25 4.13
C ALA A 118 -16.75 6.69 3.58
N CYS A 119 -16.76 7.22 2.35
CA CYS A 119 -15.52 7.67 1.75
C CYS A 119 -15.76 8.91 0.92
N GLY A 120 -14.73 9.75 0.80
CA GLY A 120 -14.79 10.94 -0.01
C GLY A 120 -13.44 11.60 -0.23
N GLY A 121 -13.14 11.96 -1.49
CA GLY A 121 -11.89 12.60 -1.83
C GLY A 121 -12.06 13.87 -2.63
N LEU A 122 -11.10 14.20 -3.49
CA LEU A 122 -11.20 15.39 -4.34
C LEU A 122 -12.26 15.13 -5.42
N ASP A 123 -13.50 15.45 -5.08
CA ASP A 123 -14.69 15.18 -5.90
C ASP A 123 -15.83 15.89 -5.19
N ASN A 124 -17.04 15.76 -5.74
CA ASN A 124 -18.23 16.23 -5.04
C ASN A 124 -19.17 15.05 -4.89
N ILE A 125 -18.87 14.19 -3.92
CA ILE A 125 -19.58 12.93 -3.66
C ILE A 125 -19.13 12.42 -2.30
N CYS A 126 -20.07 11.84 -1.54
CA CYS A 126 -19.75 11.01 -0.39
C CYS A 126 -20.38 9.64 -0.61
N SER A 127 -19.56 8.59 -0.63
CA SER A 127 -20.06 7.26 -0.89
C SER A 127 -20.28 6.50 0.40
N ILE A 128 -21.36 5.72 0.45
CA ILE A 128 -21.73 4.92 1.61
C ILE A 128 -21.80 3.46 1.19
N TYR A 129 -20.96 2.64 1.81
CA TYR A 129 -20.91 1.20 1.53
C TYR A 129 -21.53 0.44 2.69
N ASN A 130 -22.39 -0.53 2.36
CA ASN A 130 -23.12 -1.34 3.34
C ASN A 130 -22.43 -2.68 3.47
N LEU A 131 -21.74 -2.88 4.59
CA LEU A 131 -20.93 -4.09 4.77
C LEU A 131 -21.79 -5.33 4.94
N LYS A 132 -22.88 -5.22 5.70
CA LYS A 132 -23.69 -6.37 6.06
C LYS A 132 -24.84 -6.51 5.07
N THR A 133 -24.74 -7.51 4.17
CA THR A 133 -25.77 -7.78 3.19
C THR A 133 -26.09 -9.27 3.20
N ARG A 134 -27.23 -9.62 2.61
CA ARG A 134 -27.58 -11.03 2.45
C ARG A 134 -26.60 -11.74 1.53
N GLU A 135 -25.99 -11.01 0.61
CA GLU A 135 -24.94 -11.54 -0.25
C GLU A 135 -23.58 -11.24 0.34
N GLY A 136 -22.59 -12.05 -0.02
CA GLY A 136 -21.26 -11.90 0.53
C GLY A 136 -20.41 -10.85 -0.16
N ASN A 137 -21.02 -9.73 -0.53
CA ASN A 137 -20.31 -8.65 -1.19
C ASN A 137 -20.75 -7.32 -0.60
N VAL A 138 -19.90 -6.32 -0.75
CA VAL A 138 -20.18 -4.96 -0.29
C VAL A 138 -20.55 -4.11 -1.50
N ARG A 139 -21.63 -3.35 -1.37
CA ARG A 139 -22.11 -2.49 -2.44
C ARG A 139 -22.40 -1.10 -1.90
N VAL A 140 -22.29 -0.10 -2.78
CA VAL A 140 -22.62 1.26 -2.40
C VAL A 140 -24.13 1.41 -2.30
N SER A 141 -24.60 1.98 -1.18
CA SER A 141 -26.02 2.15 -0.95
C SER A 141 -26.48 3.60 -1.03
N ARG A 142 -25.59 4.57 -0.83
CA ARG A 142 -25.97 5.97 -0.90
C ARG A 142 -24.83 6.77 -1.54
N GLU A 143 -25.21 7.67 -2.44
CA GLU A 143 -24.29 8.49 -3.22
C GLU A 143 -24.65 9.94 -2.93
N LEU A 144 -24.10 10.49 -1.85
CA LEU A 144 -24.50 11.82 -1.39
C LEU A 144 -23.83 12.88 -2.25
N ALA A 145 -24.64 13.61 -3.03
CA ALA A 145 -24.16 14.66 -3.90
C ALA A 145 -24.84 15.97 -3.54
N GLY A 146 -24.16 17.08 -3.81
CA GLY A 146 -24.68 18.39 -3.49
C GLY A 146 -23.62 19.38 -3.07
N HIS A 147 -22.43 18.89 -2.73
CA HIS A 147 -21.33 19.78 -2.44
C HIS A 147 -20.68 20.28 -3.72
N THR A 148 -19.93 21.38 -3.60
CA THR A 148 -19.26 21.98 -4.76
C THR A 148 -17.77 21.73 -4.77
N GLY A 149 -17.10 21.77 -3.61
CA GLY A 149 -15.69 21.53 -3.51
C GLY A 149 -15.36 20.12 -3.07
N TYR A 150 -14.06 19.86 -2.95
CA TYR A 150 -13.58 18.55 -2.55
C TYR A 150 -13.93 18.28 -1.08
N LEU A 151 -14.26 17.01 -0.80
CA LEU A 151 -14.58 16.61 0.57
C LEU A 151 -13.29 16.41 1.36
N SER A 152 -13.23 17.03 2.53
CA SER A 152 -12.04 16.94 3.36
C SER A 152 -12.30 16.28 4.71
N CYS A 153 -13.55 15.99 5.05
CA CYS A 153 -13.80 15.21 6.26
C CYS A 153 -15.23 14.68 6.25
N CYS A 154 -15.43 13.53 6.86
CA CYS A 154 -16.76 12.94 6.98
C CYS A 154 -16.80 12.04 8.20
N ARG A 155 -17.85 12.18 9.01
CA ARG A 155 -18.01 11.40 10.22
C ARG A 155 -19.47 10.98 10.36
N PHE A 156 -19.69 9.98 11.20
CA PHE A 156 -21.03 9.46 11.46
C PHE A 156 -21.56 9.95 12.80
N LEU A 157 -22.87 10.15 12.86
CA LEU A 157 -23.58 10.35 14.12
C LEU A 157 -24.30 9.09 14.58
N ASP A 158 -24.98 8.40 13.67
CA ASP A 158 -25.58 7.11 13.90
C ASP A 158 -25.77 6.43 12.55
N ASP A 159 -26.56 5.37 12.50
CA ASP A 159 -26.78 4.66 11.24
C ASP A 159 -27.63 5.46 10.26
N ASN A 160 -28.00 6.70 10.56
CA ASN A 160 -28.89 7.47 9.70
C ASN A 160 -28.37 8.86 9.35
N GLN A 161 -27.49 9.45 10.15
CA GLN A 161 -27.03 10.81 9.92
C GLN A 161 -25.51 10.84 9.76
N ILE A 162 -25.03 11.63 8.80
CA ILE A 162 -23.61 11.76 8.50
C ILE A 162 -23.29 13.25 8.34
N VAL A 163 -22.15 13.67 8.87
CA VAL A 163 -21.72 15.06 8.83
C VAL A 163 -20.47 15.16 7.99
N THR A 164 -20.49 16.04 6.99
CA THR A 164 -19.36 16.22 6.07
C THR A 164 -18.86 17.65 6.14
N SER A 165 -17.55 17.81 5.93
CA SER A 165 -16.93 19.11 5.76
C SER A 165 -16.19 19.12 4.44
N SER A 166 -16.49 20.10 3.59
CA SER A 166 -16.07 20.07 2.19
C SER A 166 -15.07 21.19 1.91
N GLY A 167 -14.66 21.28 0.65
CA GLY A 167 -13.74 22.29 0.19
C GLY A 167 -14.36 23.57 -0.31
N ASP A 168 -15.69 23.68 -0.31
CA ASP A 168 -16.38 24.92 -0.66
C ASP A 168 -16.70 25.76 0.55
N THR A 169 -15.84 25.71 1.58
CA THR A 169 -15.97 26.51 2.79
C THR A 169 -17.28 26.24 3.53
N THR A 170 -17.80 25.01 3.43
CA THR A 170 -19.06 24.68 4.06
C THR A 170 -18.98 23.32 4.74
N CYS A 171 -19.85 23.14 5.74
CA CYS A 171 -20.15 21.84 6.32
C CYS A 171 -21.61 21.51 6.07
N ALA A 172 -21.93 20.23 6.00
CA ALA A 172 -23.29 19.81 5.72
C ALA A 172 -23.66 18.61 6.57
N LEU A 173 -24.81 18.69 7.23
CA LEU A 173 -25.41 17.56 7.94
C LEU A 173 -26.52 17.00 7.08
N TRP A 174 -26.43 15.72 6.75
CA TRP A 174 -27.23 15.07 5.73
C TRP A 174 -28.28 14.16 6.36
N ASP A 175 -28.99 13.43 5.49
CA ASP A 175 -29.94 12.41 5.91
C ASP A 175 -29.83 11.27 4.91
N ILE A 176 -29.22 10.17 5.34
CA ILE A 176 -28.91 9.08 4.41
C ILE A 176 -30.19 8.45 3.88
N GLU A 177 -31.23 8.38 4.72
CA GLU A 177 -32.45 7.68 4.34
C GLU A 177 -33.10 8.34 3.13
N THR A 178 -33.18 9.67 3.12
CA THR A 178 -33.83 10.39 2.03
C THR A 178 -32.87 10.89 0.97
N GLY A 179 -31.58 11.00 1.28
CA GLY A 179 -30.61 11.42 0.29
C GLY A 179 -30.55 12.91 0.03
N GLN A 180 -31.07 13.73 0.93
CA GLN A 180 -31.08 15.17 0.77
C GLN A 180 -30.47 15.83 2.01
N GLN A 181 -29.91 17.02 1.82
CA GLN A 181 -29.33 17.74 2.93
C GLN A 181 -30.39 18.13 3.94
N THR A 182 -30.00 18.17 5.21
CA THR A 182 -30.87 18.62 6.30
C THR A 182 -30.42 19.93 6.91
N THR A 183 -29.12 20.15 7.05
CA THR A 183 -28.62 21.41 7.59
C THR A 183 -27.31 21.77 6.92
N THR A 184 -27.07 23.07 6.78
CA THR A 184 -25.85 23.57 6.18
C THR A 184 -25.19 24.56 7.14
N PHE A 185 -23.90 24.36 7.39
CA PHE A 185 -23.11 25.22 8.26
C PHE A 185 -22.18 26.07 7.41
N THR A 186 -22.33 27.39 7.51
CA THR A 186 -21.57 28.35 6.73
C THR A 186 -20.99 29.41 7.66
N GLY A 187 -19.97 30.11 7.17
CA GLY A 187 -19.34 31.15 7.94
C GLY A 187 -17.83 31.20 7.77
N HIS A 188 -17.25 30.08 7.35
CA HIS A 188 -15.81 30.01 7.14
C HIS A 188 -15.45 30.64 5.80
N THR A 189 -14.39 31.45 5.80
CA THR A 189 -13.96 32.09 4.56
C THR A 189 -13.13 31.14 3.70
N GLY A 190 -12.22 30.38 4.32
CA GLY A 190 -11.45 29.39 3.63
C GLY A 190 -12.08 28.01 3.75
N ASP A 191 -11.51 27.07 3.00
CA ASP A 191 -12.00 25.69 3.04
C ASP A 191 -11.65 25.03 4.37
N VAL A 192 -12.59 24.23 4.86
CA VAL A 192 -12.39 23.52 6.13
C VAL A 192 -11.64 22.23 5.87
N MET A 193 -10.76 21.86 6.81
CA MET A 193 -9.90 20.69 6.62
C MET A 193 -10.41 19.47 7.37
N SER A 194 -10.60 19.58 8.68
CA SER A 194 -11.02 18.44 9.49
C SER A 194 -12.01 18.90 10.55
N LEU A 195 -12.85 17.96 11.00
CA LEU A 195 -13.79 18.21 12.08
C LEU A 195 -13.74 17.05 13.05
N SER A 196 -14.13 17.32 14.30
CA SER A 196 -14.26 16.29 15.31
C SER A 196 -15.61 16.42 15.99
N LEU A 197 -16.13 15.29 16.45
CA LEU A 197 -17.45 15.24 17.05
C LEU A 197 -17.34 15.20 18.58
N ALA A 198 -18.31 15.84 19.24
CA ALA A 198 -18.37 15.78 20.68
C ALA A 198 -18.74 14.37 21.12
N PRO A 199 -18.36 13.97 22.34
CA PRO A 199 -18.69 12.60 22.79
C PRO A 199 -20.16 12.30 22.82
N ASP A 200 -21.01 13.29 23.12
CA ASP A 200 -22.45 13.09 23.18
C ASP A 200 -23.14 13.26 21.84
N THR A 201 -22.38 13.58 20.78
CA THR A 201 -22.93 13.76 19.43
C THR A 201 -24.05 14.80 19.40
N ARG A 202 -23.86 15.89 20.14
CA ARG A 202 -24.78 17.02 20.14
C ARG A 202 -24.24 18.20 19.36
N LEU A 203 -23.03 18.64 19.67
CA LEU A 203 -22.33 19.69 18.97
C LEU A 203 -21.05 19.11 18.35
N PHE A 204 -20.33 19.95 17.61
CA PHE A 204 -19.03 19.54 17.07
C PHE A 204 -18.21 20.78 16.78
N VAL A 205 -16.97 20.54 16.32
CA VAL A 205 -16.04 21.62 16.00
C VAL A 205 -15.46 21.35 14.61
N SER A 206 -15.03 22.42 13.95
CA SER A 206 -14.48 22.30 12.61
C SER A 206 -13.48 23.42 12.37
N GLY A 207 -12.29 23.07 11.87
CA GLY A 207 -11.23 24.03 11.64
C GLY A 207 -11.00 24.24 10.14
N ALA A 208 -10.75 25.48 9.77
CA ALA A 208 -10.60 25.84 8.37
C ALA A 208 -9.21 26.38 8.10
N CYS A 209 -8.94 26.70 6.83
CA CYS A 209 -7.66 27.26 6.42
C CYS A 209 -7.54 28.75 6.73
N ASP A 210 -8.61 29.38 7.20
CA ASP A 210 -8.59 30.78 7.60
C ASP A 210 -8.01 30.98 8.99
N ALA A 211 -7.29 29.97 9.51
CA ALA A 211 -6.71 30.03 10.86
C ALA A 211 -7.78 30.25 11.92
N SER A 212 -8.87 29.49 11.81
CA SER A 212 -9.97 29.61 12.74
C SER A 212 -10.71 28.28 12.86
N ALA A 213 -11.13 27.97 14.09
CA ALA A 213 -11.93 26.78 14.37
C ALA A 213 -13.25 27.21 15.00
N LYS A 214 -14.35 26.78 14.41
CA LYS A 214 -15.68 27.18 14.84
C LYS A 214 -16.45 25.98 15.39
N LEU A 215 -17.27 26.27 16.40
CA LEU A 215 -18.11 25.28 17.06
C LEU A 215 -19.53 25.39 16.52
N TRP A 216 -20.11 24.25 16.16
CA TRP A 216 -21.43 24.20 15.56
C TRP A 216 -22.35 23.34 16.42
N ASP A 217 -23.61 23.76 16.52
CA ASP A 217 -24.64 23.05 17.27
C ASP A 217 -25.63 22.45 16.28
N VAL A 218 -25.84 21.13 16.38
CA VAL A 218 -26.67 20.42 15.41
C VAL A 218 -28.14 20.83 15.54
N ARG A 219 -28.61 21.10 16.76
CA ARG A 219 -30.03 21.26 17.00
C ARG A 219 -30.62 22.40 16.18
N GLU A 220 -29.95 23.56 16.16
CA GLU A 220 -30.40 24.69 15.36
C GLU A 220 -29.56 24.93 14.12
N GLY A 221 -28.43 24.26 13.98
CA GLY A 221 -27.60 24.41 12.80
C GLY A 221 -26.97 25.78 12.64
N MET A 222 -26.48 26.37 13.72
CA MET A 222 -25.86 27.68 13.68
C MET A 222 -24.56 27.66 14.48
N CYS A 223 -23.62 28.51 14.08
CA CYS A 223 -22.36 28.62 14.80
C CYS A 223 -22.59 29.23 16.18
N ARG A 224 -21.88 28.70 17.18
CA ARG A 224 -22.03 29.15 18.55
C ARG A 224 -20.76 29.70 19.17
N GLN A 225 -19.58 29.36 18.64
CA GLN A 225 -18.33 29.78 19.24
C GLN A 225 -17.25 29.80 18.16
N THR A 226 -16.28 30.70 18.33
CA THR A 226 -15.15 30.81 17.41
C THR A 226 -13.85 30.85 18.19
N PHE A 227 -12.80 30.28 17.60
CA PHE A 227 -11.45 30.32 18.15
C PHE A 227 -10.49 30.72 17.05
N THR A 228 -9.71 31.77 17.32
CA THR A 228 -8.77 32.31 16.34
C THR A 228 -7.54 32.84 17.06
N GLY A 229 -6.48 33.03 16.29
CA GLY A 229 -5.24 33.54 16.85
C GLY A 229 -4.08 32.60 16.60
N HIS A 230 -4.22 31.71 15.62
CA HIS A 230 -3.20 30.73 15.31
C HIS A 230 -2.56 31.12 13.98
N GLU A 231 -1.26 30.87 13.85
CA GLU A 231 -0.46 31.50 12.81
C GLU A 231 -0.91 31.09 11.40
N SER A 232 -1.16 29.81 11.18
CA SER A 232 -1.41 29.35 9.82
C SER A 232 -2.67 28.50 9.69
N ASP A 233 -2.87 27.92 8.51
CA ASP A 233 -4.05 27.13 8.25
C ASP A 233 -4.04 25.85 9.09
N ILE A 234 -5.23 25.36 9.42
CA ILE A 234 -5.40 24.22 10.31
C ILE A 234 -5.32 22.94 9.50
N ASN A 235 -4.47 22.02 9.94
CA ASN A 235 -4.29 20.73 9.27
C ASN A 235 -5.10 19.60 9.90
N ALA A 236 -5.19 19.56 11.23
CA ALA A 236 -5.96 18.51 11.89
C ALA A 236 -6.44 19.00 13.25
N ILE A 237 -7.51 18.37 13.73
CA ILE A 237 -8.15 18.76 14.98
C ILE A 237 -8.60 17.51 15.71
N CYS A 238 -8.58 17.56 17.04
CA CYS A 238 -9.01 16.45 17.88
C CYS A 238 -9.71 17.01 19.10
N PHE A 239 -10.56 16.19 19.71
CA PHE A 239 -11.41 16.60 20.81
C PHE A 239 -10.97 15.91 22.09
N PHE A 240 -10.96 16.66 23.20
CA PHE A 240 -10.55 16.11 24.48
C PHE A 240 -11.58 15.08 24.96
N PRO A 241 -11.14 13.99 25.60
CA PRO A 241 -12.09 12.96 26.03
C PRO A 241 -13.15 13.46 27.00
N ASN A 242 -12.84 14.46 27.82
CA ASN A 242 -13.81 14.96 28.78
C ASN A 242 -15.03 15.54 28.07
N GLY A 243 -14.80 16.32 27.01
CA GLY A 243 -15.88 16.91 26.24
C GLY A 243 -15.95 18.42 26.31
N ASN A 244 -15.00 19.11 26.92
CA ASN A 244 -15.04 20.56 27.06
C ASN A 244 -13.70 21.20 26.69
N ALA A 245 -12.91 20.52 25.86
CA ALA A 245 -11.63 21.06 25.39
C ALA A 245 -11.29 20.38 24.08
N PHE A 246 -10.34 20.97 23.36
CA PHE A 246 -9.89 20.36 22.10
C PHE A 246 -8.49 20.85 21.77
N ALA A 247 -7.88 20.18 20.80
CA ALA A 247 -6.52 20.48 20.37
C ALA A 247 -6.45 20.53 18.85
N THR A 248 -5.54 21.35 18.34
CA THR A 248 -5.34 21.53 16.92
C THR A 248 -3.87 21.43 16.56
N GLY A 249 -3.60 20.92 15.37
CA GLY A 249 -2.25 20.92 14.82
C GLY A 249 -2.28 21.43 13.40
N SER A 250 -1.25 22.21 13.05
CA SER A 250 -1.24 22.92 11.78
C SER A 250 0.16 22.85 11.18
N ASP A 251 0.36 23.60 10.09
CA ASP A 251 1.61 23.58 9.34
C ASP A 251 2.65 24.56 9.87
N ASP A 252 2.33 25.30 10.94
CA ASP A 252 3.26 26.26 11.53
C ASP A 252 4.08 25.68 12.67
N ALA A 253 4.19 24.34 12.74
CA ALA A 253 5.01 23.66 13.75
C ALA A 253 4.56 23.98 15.17
N THR A 254 3.26 24.16 15.37
CA THR A 254 2.71 24.44 16.69
C THR A 254 1.45 23.61 16.90
N CYS A 255 1.29 23.12 18.12
CA CYS A 255 0.08 22.41 18.55
C CYS A 255 -0.60 23.23 19.63
N ARG A 256 -1.87 23.53 19.43
CA ARG A 256 -2.61 24.41 20.32
C ARG A 256 -3.70 23.66 21.06
N LEU A 257 -4.02 24.13 22.26
CA LEU A 257 -5.10 23.60 23.08
C LEU A 257 -6.06 24.74 23.38
N PHE A 258 -7.37 24.45 23.30
CA PHE A 258 -8.39 25.44 23.56
C PHE A 258 -9.47 24.83 24.45
N ASP A 259 -10.16 25.72 25.16
CA ASP A 259 -11.21 25.36 26.10
C ASP A 259 -12.51 26.04 25.68
N LEU A 260 -13.63 25.37 25.92
CA LEU A 260 -14.93 25.87 25.50
C LEU A 260 -15.43 26.97 26.43
N ARG A 261 -15.54 26.67 27.72
CA ARG A 261 -16.10 27.64 28.66
C ARG A 261 -15.14 28.80 28.91
N ALA A 262 -13.85 28.51 29.02
CA ALA A 262 -12.89 29.55 29.34
C ALA A 262 -12.71 30.53 28.18
N ASP A 263 -12.94 30.09 26.94
CA ASP A 263 -12.79 30.93 25.76
C ASP A 263 -11.38 31.52 25.70
N GLN A 264 -10.38 30.67 25.90
CA GLN A 264 -8.99 31.10 25.96
C GLN A 264 -8.12 30.18 25.13
N GLU A 265 -6.99 30.71 24.68
CA GLU A 265 -5.96 29.91 24.03
C GLU A 265 -4.96 29.49 25.10
N LEU A 266 -5.03 28.23 25.51
CA LEU A 266 -4.24 27.72 26.62
C LEU A 266 -2.86 27.32 26.10
N MET A 267 -2.09 26.61 26.93
CA MET A 267 -0.67 26.42 26.69
C MET A 267 -0.41 25.69 25.36
N THR A 268 0.69 26.04 24.72
CA THR A 268 1.04 25.57 23.38
C THR A 268 2.20 24.59 23.46
N TYR A 269 2.08 23.47 22.73
CA TYR A 269 3.11 22.44 22.68
C TYR A 269 3.96 22.69 21.45
N SER A 270 5.12 23.32 21.65
CA SER A 270 6.02 23.64 20.55
C SER A 270 7.46 23.48 21.00
N HIS A 271 8.34 23.26 20.03
CA HIS A 271 9.77 23.12 20.29
C HIS A 271 10.55 23.92 19.26
N ASP A 272 11.74 24.36 19.66
CA ASP A 272 12.57 25.22 18.81
C ASP A 272 13.28 24.45 17.70
N ASN A 273 13.32 23.12 17.78
CA ASN A 273 14.02 22.29 16.79
C ASN A 273 13.07 21.64 15.79
N ILE A 274 11.88 22.21 15.61
CA ILE A 274 10.89 21.68 14.68
C ILE A 274 10.56 22.76 13.66
N ILE A 275 10.58 22.40 12.38
CA ILE A 275 10.36 23.34 11.29
C ILE A 275 9.11 22.98 10.48
N CYS A 276 8.90 21.70 10.19
CA CYS A 276 7.80 21.28 9.35
C CYS A 276 6.48 21.38 10.11
N GLY A 277 5.39 20.94 9.47
CA GLY A 277 4.05 21.14 9.98
C GLY A 277 3.38 19.85 10.42
N ILE A 278 2.47 19.97 11.37
CA ILE A 278 1.72 18.82 11.86
C ILE A 278 0.70 18.39 10.81
N THR A 279 0.46 17.08 10.74
CA THR A 279 -0.54 16.53 9.83
C THR A 279 -1.73 15.91 10.53
N SER A 280 -1.54 15.30 11.71
CA SER A 280 -2.65 14.71 12.44
C SER A 280 -2.34 14.77 13.93
N VAL A 281 -3.38 14.99 14.73
CA VAL A 281 -3.25 15.09 16.18
C VAL A 281 -4.31 14.20 16.81
N SER A 282 -3.91 13.42 17.80
CA SER A 282 -4.84 12.58 18.56
C SER A 282 -4.43 12.59 20.02
N PHE A 283 -5.43 12.45 20.89
CA PHE A 283 -5.22 12.43 22.33
C PHE A 283 -4.95 11.00 22.78
N SER A 284 -4.92 10.80 24.10
CA SER A 284 -4.91 9.48 24.71
C SER A 284 -6.23 9.27 25.43
N LYS A 285 -6.48 8.02 25.83
CA LYS A 285 -7.75 7.70 26.48
C LYS A 285 -7.89 8.44 27.81
N SER A 286 -6.81 8.52 28.58
CA SER A 286 -6.83 9.22 29.86
C SER A 286 -6.59 10.72 29.72
N GLY A 287 -6.23 11.20 28.53
CA GLY A 287 -5.96 12.61 28.34
C GLY A 287 -4.63 13.08 28.88
N ARG A 288 -3.71 12.17 29.20
CA ARG A 288 -2.44 12.55 29.78
C ARG A 288 -1.36 12.82 28.74
N LEU A 289 -1.44 12.18 27.58
CA LEU A 289 -0.44 12.32 26.55
C LEU A 289 -1.07 12.83 25.26
N LEU A 290 -0.38 13.74 24.58
CA LEU A 290 -0.78 14.23 23.27
C LEU A 290 0.27 13.81 22.26
N LEU A 291 -0.08 12.90 21.36
CA LEU A 291 0.84 12.39 20.36
C LEU A 291 0.42 12.89 18.98
N ALA A 292 1.36 13.49 18.26
CA ALA A 292 1.07 14.13 16.99
C ALA A 292 2.14 13.79 15.96
N GLY A 293 1.70 13.57 14.72
CA GLY A 293 2.62 13.29 13.65
C GLY A 293 3.26 14.55 13.09
N TYR A 294 4.20 14.35 12.16
CA TYR A 294 4.94 15.45 11.57
C TYR A 294 5.33 15.06 10.15
N ASP A 295 5.87 16.03 9.42
CA ASP A 295 6.45 15.73 8.11
C ASP A 295 7.80 15.04 8.23
N ASP A 296 8.51 15.24 9.34
CA ASP A 296 9.84 14.68 9.48
C ASP A 296 9.79 13.22 9.92
N PHE A 297 8.96 12.43 9.25
CA PHE A 297 8.94 10.97 9.34
C PHE A 297 8.71 10.47 10.78
N ASN A 298 8.19 11.32 11.66
CA ASN A 298 8.12 10.99 13.08
C ASN A 298 6.73 11.28 13.63
N CYS A 299 6.47 10.75 14.83
CA CYS A 299 5.24 10.97 15.57
C CYS A 299 5.63 11.27 17.01
N ASN A 300 5.75 12.55 17.33
CA ASN A 300 6.23 12.95 18.64
C ASN A 300 5.15 12.82 19.70
N VAL A 301 5.58 12.74 20.95
CA VAL A 301 4.69 12.59 22.11
C VAL A 301 5.01 13.69 23.11
N TRP A 302 3.96 14.35 23.62
CA TRP A 302 4.10 15.43 24.56
C TRP A 302 3.25 15.15 25.80
N ASP A 303 3.74 15.61 26.94
CA ASP A 303 2.91 15.61 28.13
C ASP A 303 1.82 16.67 27.99
N ALA A 304 0.58 16.28 28.29
CA ALA A 304 -0.55 17.17 28.07
C ALA A 304 -0.57 18.37 29.00
N LEU A 305 0.28 18.39 30.03
CA LEU A 305 0.26 19.45 31.01
C LEU A 305 1.58 20.20 31.16
N LYS A 306 2.65 19.76 30.50
CA LYS A 306 3.95 20.41 30.63
C LYS A 306 4.69 20.62 29.31
N ALA A 307 4.16 20.12 28.20
CA ALA A 307 4.81 20.21 26.89
C ALA A 307 6.22 19.64 26.92
N ASP A 308 6.39 18.52 27.61
CA ASP A 308 7.68 17.84 27.71
C ASP A 308 7.71 16.73 26.67
N ARG A 309 8.70 16.77 25.78
CA ARG A 309 8.85 15.72 24.76
C ARG A 309 9.27 14.43 25.44
N ALA A 310 8.33 13.50 25.58
CA ALA A 310 8.56 12.22 26.23
C ALA A 310 8.18 11.12 25.26
N GLY A 311 9.13 10.73 24.41
CA GLY A 311 8.90 9.66 23.46
C GLY A 311 8.88 10.11 22.01
N VAL A 312 9.75 9.54 21.20
CA VAL A 312 9.78 9.75 19.75
C VAL A 312 9.57 8.40 19.09
N LEU A 313 8.61 8.34 18.19
CA LEU A 313 8.18 7.09 17.56
C LEU A 313 8.62 7.10 16.10
N ALA A 314 9.86 6.66 15.86
CA ALA A 314 10.41 6.61 14.52
C ALA A 314 10.17 5.23 13.90
N GLY A 315 10.37 5.15 12.60
CA GLY A 315 10.17 3.91 11.87
C GLY A 315 9.51 4.10 10.52
N HIS A 316 9.16 5.34 10.20
CA HIS A 316 8.54 5.66 8.92
C HIS A 316 9.56 6.34 8.01
N ASP A 317 9.44 6.07 6.72
CA ASP A 317 10.37 6.61 5.73
C ASP A 317 9.73 7.66 4.83
N ASN A 318 8.59 8.21 5.23
CA ASN A 318 7.91 9.23 4.45
C ASN A 318 6.97 10.01 5.36
N ARG A 319 6.16 10.88 4.76
CA ARG A 319 5.29 11.76 5.53
C ARG A 319 4.20 10.97 6.25
N VAL A 320 3.93 11.35 7.49
CA VAL A 320 2.88 10.73 8.29
C VAL A 320 1.56 11.43 8.00
N SER A 321 0.54 10.66 7.64
CA SER A 321 -0.74 11.22 7.21
C SER A 321 -1.91 10.88 8.11
N CYS A 322 -1.78 9.91 9.02
CA CYS A 322 -2.91 9.55 9.87
C CYS A 322 -2.41 8.94 11.17
N LEU A 323 -3.22 9.04 12.20
CA LEU A 323 -2.95 8.47 13.52
C LEU A 323 -4.25 7.88 14.05
N GLY A 324 -4.26 7.57 15.34
CA GLY A 324 -5.48 7.17 16.01
C GLY A 324 -5.28 6.20 17.16
N VAL A 325 -5.93 6.49 18.28
CA VAL A 325 -5.84 5.67 19.49
C VAL A 325 -7.16 4.93 19.64
N THR A 326 -7.07 3.61 19.84
CA THR A 326 -8.27 2.79 19.91
C THR A 326 -9.13 3.19 21.11
N ASP A 327 -10.35 2.64 21.13
CA ASP A 327 -11.34 3.06 22.13
C ASP A 327 -10.88 2.71 23.54
N ASP A 328 -10.32 1.53 23.74
CA ASP A 328 -9.82 1.13 25.05
C ASP A 328 -8.35 1.44 25.25
N GLY A 329 -7.68 2.05 24.28
CA GLY A 329 -6.35 2.59 24.49
C GLY A 329 -5.21 1.61 24.46
N MET A 330 -5.45 0.34 24.07
CA MET A 330 -4.35 -0.62 24.04
C MET A 330 -3.30 -0.25 23.00
N ALA A 331 -3.72 0.19 21.82
CA ALA A 331 -2.80 0.39 20.72
C ALA A 331 -3.09 1.70 19.98
N VAL A 332 -2.07 2.22 19.32
CA VAL A 332 -2.18 3.37 18.43
C VAL A 332 -1.56 3.01 17.10
N ALA A 333 -2.28 3.26 16.02
CA ALA A 333 -1.85 2.87 14.67
C ALA A 333 -1.51 4.11 13.87
N THR A 334 -0.36 4.10 13.21
CA THR A 334 0.07 5.22 12.38
C THR A 334 0.30 4.75 10.95
N GLY A 335 -0.10 5.59 10.00
CA GLY A 335 0.11 5.29 8.59
C GLY A 335 0.76 6.46 7.88
N SER A 336 1.61 6.15 6.90
CA SER A 336 2.41 7.16 6.24
C SER A 336 2.30 7.08 4.73
N TRP A 337 3.14 7.84 4.03
CA TRP A 337 3.07 7.94 2.58
C TRP A 337 3.87 6.85 1.86
N ASP A 338 4.51 5.95 2.60
CA ASP A 338 5.12 4.77 1.99
C ASP A 338 4.20 3.57 2.05
N SER A 339 2.95 3.76 2.47
CA SER A 339 1.93 2.72 2.49
C SER A 339 2.27 1.59 3.44
N PHE A 340 2.56 1.95 4.69
CA PHE A 340 2.87 0.98 5.74
C PHE A 340 2.17 1.42 7.01
N LEU A 341 1.20 0.62 7.47
CA LEU A 341 0.51 0.87 8.73
C LEU A 341 1.23 0.14 9.85
N LYS A 342 1.55 0.85 10.93
CA LYS A 342 2.31 0.30 12.04
C LYS A 342 1.52 0.48 13.33
N ILE A 343 1.33 -0.63 14.00
CA ILE A 343 0.66 -0.59 15.24
C ILE A 343 1.75 -0.44 16.27
N TRP A 344 1.82 0.74 16.89
CA TRP A 344 2.68 0.99 18.03
C TRP A 344 2.05 0.39 19.29
N ASN A 345 2.82 0.39 20.38
CA ASN A 345 2.32 -0.11 21.65
C ASN A 345 3.14 0.43 22.82
N THR B 5 -3.84 -19.85 14.18
CA THR B 5 -4.44 -20.60 13.07
C THR B 5 -4.73 -22.04 13.47
N LEU B 6 -4.64 -22.32 14.78
CA LEU B 6 -4.90 -23.67 15.25
C LEU B 6 -6.34 -24.08 15.03
N SER B 7 -7.28 -23.16 15.24
CA SER B 7 -8.69 -23.47 15.09
C SER B 7 -9.04 -23.70 13.62
N ALA B 8 -10.20 -24.32 13.41
CA ALA B 8 -10.64 -24.62 12.04
C ALA B 8 -11.02 -23.34 11.29
N GLU B 9 -11.77 -22.45 11.94
CA GLU B 9 -12.24 -21.24 11.28
C GLU B 9 -11.09 -20.31 10.91
N ASP B 10 -10.05 -20.24 11.75
CA ASP B 10 -8.95 -19.34 11.46
C ASP B 10 -8.16 -19.74 10.22
N LYS B 11 -8.17 -21.02 9.84
CA LYS B 11 -7.50 -21.41 8.60
C LYS B 11 -8.26 -20.91 7.38
N ALA B 12 -9.60 -21.02 7.40
CA ALA B 12 -10.38 -20.41 6.32
C ALA B 12 -10.23 -18.90 6.31
N ALA B 13 -10.12 -18.28 7.49
CA ALA B 13 -9.91 -16.84 7.55
C ALA B 13 -8.59 -16.45 6.90
N VAL B 14 -7.52 -17.18 7.20
CA VAL B 14 -6.22 -16.82 6.64
C VAL B 14 -6.16 -17.12 5.14
N GLU B 15 -6.84 -18.18 4.69
CA GLU B 15 -6.85 -18.43 3.25
C GLU B 15 -7.68 -17.38 2.51
N ARG B 16 -8.77 -16.89 3.13
CA ARG B 16 -9.51 -15.77 2.54
C ARG B 16 -8.63 -14.53 2.47
N SER B 17 -7.86 -14.27 3.53
CA SER B 17 -6.94 -13.12 3.51
C SER B 17 -5.92 -13.26 2.40
N LYS B 18 -5.36 -14.46 2.21
CA LYS B 18 -4.40 -14.67 1.13
C LYS B 18 -5.04 -14.47 -0.23
N MET B 19 -6.26 -14.97 -0.42
CA MET B 19 -6.94 -14.77 -1.69
C MET B 19 -7.27 -13.31 -1.93
N ILE B 20 -7.50 -12.54 -0.85
CA ILE B 20 -7.64 -11.10 -0.99
C ILE B 20 -6.31 -10.47 -1.39
N GLU B 21 -5.21 -11.00 -0.88
CA GLU B 21 -3.88 -10.44 -1.13
C GLU B 21 -3.27 -10.90 -2.45
N LYS B 22 -3.97 -11.74 -3.22
CA LYS B 22 -3.51 -12.16 -4.53
C LYS B 22 -4.31 -11.52 -5.66
N GLN B 23 -5.29 -10.68 -5.35
CA GLN B 23 -5.92 -9.83 -6.34
C GLN B 23 -5.26 -8.46 -6.42
N LEU B 24 -4.52 -8.09 -5.37
CA LEU B 24 -3.75 -6.85 -5.39
C LEU B 24 -2.52 -6.93 -6.29
N GLN B 25 -2.00 -8.14 -6.53
CA GLN B 25 -0.84 -8.29 -7.41
C GLN B 25 -1.20 -7.90 -8.84
N LYS B 26 -2.36 -8.33 -9.32
CA LYS B 26 -2.79 -7.96 -10.67
C LYS B 26 -3.00 -6.45 -10.78
N ASP B 27 -3.59 -5.84 -9.75
CA ASP B 27 -3.80 -4.41 -9.76
C ASP B 27 -2.47 -3.66 -9.74
N LYS B 28 -1.48 -4.17 -9.00
CA LYS B 28 -0.17 -3.54 -9.02
C LYS B 28 0.49 -3.66 -10.38
N GLN B 29 0.36 -4.83 -11.01
CA GLN B 29 0.93 -5.02 -12.35
C GLN B 29 0.29 -4.07 -13.35
N VAL B 30 -1.02 -3.85 -13.24
CA VAL B 30 -1.69 -2.91 -14.14
C VAL B 30 -1.28 -1.47 -13.82
N TYR B 31 -1.15 -1.14 -12.53
CA TYR B 31 -0.89 0.22 -12.10
C TYR B 31 0.55 0.66 -12.36
N ARG B 32 1.50 -0.27 -12.42
CA ARG B 32 2.88 0.12 -12.70
C ARG B 32 3.07 0.50 -14.17
N ALA B 33 2.44 -0.22 -15.08
CA ALA B 33 2.58 0.04 -16.51
C ALA B 33 1.44 0.92 -17.01
N THR B 34 1.39 2.14 -16.48
CA THR B 34 0.41 3.14 -16.89
C THR B 34 0.94 4.51 -16.54
N HIS B 35 0.87 5.45 -17.48
CA HIS B 35 1.43 6.78 -17.30
C HIS B 35 0.32 7.78 -17.02
N ARG B 36 0.51 8.62 -16.01
CA ARG B 36 -0.48 9.57 -15.55
C ARG B 36 -0.07 10.99 -15.93
N LEU B 37 -1.05 11.77 -16.40
CA LEU B 37 -0.82 13.13 -16.86
C LEU B 37 -1.86 14.04 -16.21
N LEU B 38 -1.49 15.28 -15.95
CA LEU B 38 -2.38 16.23 -15.29
C LEU B 38 -2.66 17.40 -16.23
N LEU B 39 -3.93 17.70 -16.50
CA LEU B 39 -4.32 18.72 -17.47
C LEU B 39 -4.75 19.99 -16.76
N LEU B 40 -4.18 21.13 -17.19
CA LEU B 40 -4.64 22.44 -16.74
C LEU B 40 -4.88 23.36 -17.94
N GLY B 41 -5.83 24.25 -17.77
CA GLY B 41 -6.19 25.19 -18.82
C GLY B 41 -6.77 26.44 -18.21
N ALA B 42 -7.77 27.00 -18.89
CA ALA B 42 -8.44 28.20 -18.42
C ALA B 42 -9.90 28.13 -18.86
N ASP B 43 -10.60 29.26 -18.78
CA ASP B 43 -12.02 29.29 -19.14
C ASP B 43 -12.19 29.32 -20.65
N ASN B 44 -11.52 30.24 -21.34
CA ASN B 44 -11.65 30.37 -22.79
C ASN B 44 -10.73 29.43 -23.56
N SER B 45 -9.73 28.84 -22.90
CA SER B 45 -8.84 27.92 -23.58
C SER B 45 -9.58 26.64 -23.97
N GLY B 46 -9.32 26.17 -25.18
CA GLY B 46 -10.06 25.05 -25.74
C GLY B 46 -9.65 23.69 -25.21
N LYS B 47 -9.60 23.53 -23.88
CA LYS B 47 -9.28 22.23 -23.30
C LYS B 47 -10.37 21.21 -23.61
N SER B 48 -11.63 21.66 -23.61
CA SER B 48 -12.74 20.75 -23.91
C SER B 48 -12.64 20.19 -25.32
N THR B 49 -12.28 21.03 -26.28
CA THR B 49 -12.12 20.57 -27.66
C THR B 49 -11.03 19.53 -27.76
N ILE B 50 -9.91 19.74 -27.04
CA ILE B 50 -8.80 18.79 -27.08
C ILE B 50 -9.22 17.46 -26.47
N VAL B 51 -9.84 17.50 -25.29
CA VAL B 51 -10.20 16.25 -24.61
C VAL B 51 -11.27 15.50 -25.40
N LYS B 52 -12.13 16.22 -26.12
CA LYS B 52 -13.02 15.54 -27.06
C LYS B 52 -12.25 15.01 -28.26
N GLN B 53 -11.15 15.68 -28.64
CA GLN B 53 -10.40 15.26 -29.80
C GLN B 53 -9.71 13.92 -29.59
N MET B 54 -9.12 13.69 -28.40
CA MET B 54 -8.57 12.37 -28.14
C MET B 54 -9.65 11.30 -28.20
N ARG B 55 -10.76 11.51 -27.51
CA ARG B 55 -11.86 10.55 -27.54
C ARG B 55 -13.21 11.25 -27.64
N LYS B 181 -24.98 18.27 -12.48
CA LYS B 181 -23.72 17.55 -12.63
C LYS B 181 -22.56 18.40 -12.12
N THR B 182 -22.54 18.63 -10.81
CA THR B 182 -21.50 19.43 -10.16
C THR B 182 -20.30 18.57 -9.77
N SER B 183 -19.77 17.83 -10.73
CA SER B 183 -18.62 16.97 -10.47
C SER B 183 -17.35 17.81 -10.29
N GLY B 184 -16.29 17.15 -9.84
CA GLY B 184 -15.04 17.85 -9.58
C GLY B 184 -13.87 17.39 -10.42
N ILE B 185 -13.88 16.13 -10.84
CA ILE B 185 -12.80 15.56 -11.63
C ILE B 185 -13.39 14.73 -12.76
N PHE B 186 -12.66 14.65 -13.87
CA PHE B 186 -13.07 13.89 -15.04
C PHE B 186 -11.92 13.01 -15.49
N GLU B 187 -12.28 11.88 -16.11
CA GLU B 187 -11.31 10.87 -16.50
C GLU B 187 -11.22 10.76 -18.02
N THR B 188 -10.00 10.57 -18.51
CA THR B 188 -9.74 10.32 -19.93
C THR B 188 -8.61 9.31 -20.05
N LYS B 189 -8.75 8.38 -20.99
CA LYS B 189 -7.76 7.35 -21.24
C LYS B 189 -7.44 7.33 -22.73
N PHE B 190 -6.16 7.23 -23.06
CA PHE B 190 -5.78 6.99 -24.45
C PHE B 190 -4.54 6.10 -24.50
N GLN B 191 -4.48 5.26 -25.53
CA GLN B 191 -3.41 4.29 -25.67
C GLN B 191 -2.78 4.43 -27.06
N VAL B 192 -1.45 4.50 -27.09
CA VAL B 192 -0.69 4.55 -28.33
C VAL B 192 0.44 3.54 -28.26
N ASP B 193 0.53 2.69 -29.29
CA ASP B 193 1.58 1.67 -29.38
C ASP B 193 1.64 0.81 -28.12
N LYS B 194 0.47 0.38 -27.64
CA LYS B 194 0.35 -0.42 -26.43
C LYS B 194 0.96 0.30 -25.21
N VAL B 195 0.76 1.61 -25.15
CA VAL B 195 1.16 2.42 -24.00
C VAL B 195 -0.07 3.19 -23.53
N ASN B 196 -0.35 3.12 -22.23
CA ASN B 196 -1.59 3.59 -21.65
C ASN B 196 -1.37 4.90 -20.91
N PHE B 197 -2.22 5.89 -21.17
CA PHE B 197 -2.14 7.19 -20.53
C PHE B 197 -3.48 7.54 -19.90
N HIS B 198 -3.45 7.80 -18.60
CA HIS B 198 -4.54 8.43 -17.86
C HIS B 198 -4.32 9.93 -17.87
N MET B 199 -5.40 10.69 -18.05
CA MET B 199 -5.30 12.15 -18.20
C MET B 199 -6.30 12.80 -17.27
N PHE B 200 -5.85 13.17 -16.07
CA PHE B 200 -6.72 13.75 -15.04
C PHE B 200 -6.99 15.21 -15.35
N ASP B 201 -8.26 15.54 -15.58
CA ASP B 201 -8.70 16.90 -15.83
C ASP B 201 -9.57 17.36 -14.66
N VAL B 202 -9.04 18.29 -13.86
CA VAL B 202 -9.80 18.81 -12.73
C VAL B 202 -10.88 19.75 -13.25
N GLY B 203 -12.12 19.49 -12.84
CA GLY B 203 -13.26 20.23 -13.36
C GLY B 203 -13.72 21.38 -12.51
N ALA B 204 -14.99 21.36 -12.12
CA ALA B 204 -15.61 22.47 -11.40
C ALA B 204 -15.19 22.43 -9.94
N GLN B 205 -14.18 23.21 -9.58
CA GLN B 205 -13.69 23.32 -8.21
C GLN B 205 -13.59 24.79 -7.83
N ARG B 206 -13.16 25.02 -6.60
CA ARG B 206 -12.93 26.38 -6.12
C ARG B 206 -11.72 26.98 -6.82
N ASP B 207 -11.70 28.32 -6.91
CA ASP B 207 -10.69 29.00 -7.71
C ASP B 207 -9.26 28.77 -7.22
N GLU B 208 -9.09 28.40 -5.96
CA GLU B 208 -7.76 28.25 -5.38
C GLU B 208 -7.31 26.80 -5.51
N ARG B 209 -6.16 26.59 -6.14
CA ARG B 209 -5.61 25.26 -6.39
C ARG B 209 -4.46 24.91 -5.45
N ARG B 210 -4.30 25.67 -4.36
CA ARG B 210 -3.14 25.49 -3.49
C ARG B 210 -3.17 24.14 -2.79
N LYS B 211 -4.34 23.71 -2.32
CA LYS B 211 -4.38 22.61 -1.35
C LYS B 211 -4.56 21.24 -1.99
N TRP B 212 -5.26 21.14 -3.12
CA TRP B 212 -5.44 19.84 -3.77
C TRP B 212 -4.37 19.55 -4.80
N ILE B 213 -3.36 20.41 -4.92
CA ILE B 213 -2.25 20.15 -5.83
C ILE B 213 -1.25 19.16 -5.25
N GLN B 214 -1.26 18.95 -3.93
CA GLN B 214 -0.33 18.01 -3.31
C GLN B 214 -0.52 16.59 -3.83
N CYS B 215 -1.75 16.23 -4.19
CA CYS B 215 -2.04 14.87 -4.65
C CYS B 215 -1.40 14.54 -5.99
N PHE B 216 -0.94 15.54 -6.74
CA PHE B 216 -0.46 15.35 -8.11
C PHE B 216 1.04 15.55 -8.23
N ASN B 217 1.81 15.05 -7.27
CA ASN B 217 3.26 15.14 -7.30
C ASN B 217 3.92 13.86 -7.79
N ASP B 218 3.14 12.89 -8.28
CA ASP B 218 3.67 11.66 -8.86
C ASP B 218 3.40 11.54 -10.35
N VAL B 219 2.71 12.51 -10.95
CA VAL B 219 2.34 12.40 -12.35
C VAL B 219 3.57 12.51 -13.23
N THR B 220 3.45 11.99 -14.46
CA THR B 220 4.56 12.02 -15.39
C THR B 220 4.77 13.43 -15.97
N ALA B 221 3.69 14.12 -16.28
CA ALA B 221 3.81 15.45 -16.88
C ALA B 221 2.53 16.25 -16.66
N ILE B 222 2.67 17.56 -16.78
CA ILE B 222 1.55 18.50 -16.67
C ILE B 222 1.34 19.12 -18.04
N ILE B 223 0.22 18.79 -18.67
CA ILE B 223 -0.18 19.46 -19.90
C ILE B 223 -0.84 20.78 -19.53
N PHE B 224 -0.37 21.87 -20.12
CA PHE B 224 -0.89 23.20 -19.84
C PHE B 224 -1.38 23.80 -21.15
N VAL B 225 -2.53 24.47 -21.11
CA VAL B 225 -3.21 24.90 -22.32
C VAL B 225 -3.42 26.42 -22.26
N VAL B 226 -3.11 27.09 -23.37
CA VAL B 226 -3.27 28.54 -23.49
C VAL B 226 -3.91 28.87 -24.84
N ASP B 227 -4.84 29.82 -24.83
CA ASP B 227 -5.45 30.37 -26.05
C ASP B 227 -4.76 31.70 -26.37
N SER B 228 -3.99 31.71 -27.45
CA SER B 228 -3.27 32.92 -27.87
C SER B 228 -4.05 33.66 -28.96
N SER B 229 -5.27 34.06 -28.61
CA SER B 229 -6.11 34.77 -29.57
C SER B 229 -6.90 35.92 -28.94
N ASP B 230 -6.59 36.32 -27.70
CA ASP B 230 -7.36 37.35 -27.02
C ASP B 230 -6.61 38.65 -26.83
N TYR B 231 -5.29 38.61 -26.75
CA TYR B 231 -4.41 39.79 -26.69
C TYR B 231 -4.47 40.50 -25.35
N ASN B 232 -5.39 40.07 -24.47
CA ASN B 232 -5.50 40.71 -23.16
C ASN B 232 -5.52 39.66 -22.06
N ARG B 233 -6.06 38.49 -22.36
CA ARG B 233 -6.09 37.38 -21.41
C ARG B 233 -4.80 36.56 -21.49
N LEU B 234 -3.67 37.25 -21.43
CA LEU B 234 -2.35 36.63 -21.47
C LEU B 234 -1.54 36.88 -20.21
N GLN B 235 -1.65 38.07 -19.61
CA GLN B 235 -0.91 38.36 -18.40
C GLN B 235 -1.32 37.41 -17.27
N GLU B 236 -2.62 37.18 -17.12
CA GLU B 236 -3.09 36.21 -16.14
C GLU B 236 -2.58 34.81 -16.46
N ALA B 237 -2.52 34.47 -17.76
CA ALA B 237 -1.94 33.19 -18.15
C ALA B 237 -0.47 33.11 -17.78
N LEU B 238 0.27 34.21 -17.97
CA LEU B 238 1.68 34.21 -17.59
C LEU B 238 1.86 34.06 -16.09
N ASN B 239 1.01 34.70 -15.27
CA ASN B 239 1.13 34.53 -13.83
C ASN B 239 0.74 33.12 -13.39
N ASP B 240 -0.28 32.54 -14.03
CA ASP B 240 -0.63 31.16 -13.73
C ASP B 240 0.50 30.20 -14.07
N PHE B 241 1.15 30.42 -15.23
CA PHE B 241 2.27 29.58 -15.61
C PHE B 241 3.44 29.75 -14.64
N LYS B 242 3.70 30.98 -14.21
CA LYS B 242 4.78 31.20 -13.24
C LYS B 242 4.46 30.52 -11.91
N SER B 243 3.21 30.57 -11.47
CA SER B 243 2.82 29.91 -10.23
C SER B 243 2.97 28.39 -10.34
N ILE B 244 2.58 27.83 -11.49
CA ILE B 244 2.76 26.39 -11.69
C ILE B 244 4.24 26.03 -11.70
N TRP B 245 5.06 26.83 -12.37
CA TRP B 245 6.48 26.54 -12.48
C TRP B 245 7.16 26.61 -11.12
N ASN B 246 6.80 27.58 -10.30
CA ASN B 246 7.49 27.83 -9.04
C ASN B 246 6.86 27.09 -7.85
N ASN B 247 5.82 26.30 -8.07
CA ASN B 247 5.23 25.54 -6.97
C ASN B 247 6.20 24.45 -6.53
N ARG B 248 6.50 24.43 -5.22
CA ARG B 248 7.55 23.55 -4.73
C ARG B 248 7.09 22.09 -4.65
N TRP B 249 5.79 21.85 -4.46
CA TRP B 249 5.25 20.51 -4.65
C TRP B 249 5.42 20.05 -6.08
N LEU B 250 5.21 20.95 -7.04
CA LEU B 250 5.23 20.60 -8.46
C LEU B 250 6.63 20.62 -9.06
N ARG B 251 7.66 20.87 -8.25
CA ARG B 251 9.02 20.84 -8.77
C ARG B 251 9.38 19.43 -9.22
N THR B 252 10.30 19.35 -10.19
CA THR B 252 10.72 18.10 -10.82
C THR B 252 9.57 17.42 -11.56
N ILE B 253 8.61 18.21 -12.01
CA ILE B 253 7.52 17.73 -12.88
C ILE B 253 7.60 18.51 -14.18
N SER B 254 7.77 17.79 -15.29
CA SER B 254 7.89 18.44 -16.58
C SER B 254 6.55 19.00 -17.03
N VAL B 255 6.61 20.12 -17.74
CA VAL B 255 5.42 20.84 -18.19
C VAL B 255 5.41 20.79 -19.71
N ILE B 256 4.46 20.07 -20.28
CA ILE B 256 4.16 20.15 -21.70
C ILE B 256 3.21 21.32 -21.90
N LEU B 257 3.41 22.09 -22.96
CA LEU B 257 2.67 23.32 -23.16
C LEU B 257 2.04 23.33 -24.54
N PHE B 258 0.84 23.89 -24.65
CA PHE B 258 0.12 23.97 -25.91
C PHE B 258 -0.26 25.41 -26.22
N LEU B 259 -0.48 25.67 -27.51
CA LEU B 259 -1.08 26.91 -27.97
C LEU B 259 -2.28 26.54 -28.84
N ASN B 260 -3.43 27.17 -28.58
CA ASN B 260 -4.64 26.84 -29.32
C ASN B 260 -5.19 28.04 -30.07
N LYS B 261 -6.01 27.75 -31.08
CA LYS B 261 -6.71 28.75 -31.89
C LYS B 261 -5.71 29.67 -32.60
N GLN B 262 -4.95 29.02 -33.44
CA GLN B 262 -4.01 29.74 -34.20
C GLN B 262 -4.77 30.56 -35.20
N ASP B 263 -5.60 29.86 -35.96
CA ASP B 263 -6.30 30.47 -37.08
C ASP B 263 -7.00 31.76 -36.67
N LEU B 264 -7.61 31.78 -35.47
CA LEU B 264 -8.14 33.05 -34.95
C LEU B 264 -7.02 34.08 -34.76
N LEU B 265 -5.85 33.64 -34.31
CA LEU B 265 -4.73 34.56 -34.15
C LEU B 265 -4.35 35.19 -35.48
N ALA B 266 -4.25 34.37 -36.53
CA ALA B 266 -3.92 34.90 -37.85
C ALA B 266 -5.00 35.84 -38.36
N GLU B 267 -6.27 35.46 -38.17
CA GLU B 267 -7.38 36.29 -38.64
C GLU B 267 -7.37 37.65 -37.95
N LYS B 268 -7.14 37.67 -36.63
CA LYS B 268 -7.08 38.94 -35.92
C LYS B 268 -5.78 39.69 -36.19
N VAL B 269 -4.75 39.02 -36.69
CA VAL B 269 -3.50 39.70 -36.98
C VAL B 269 -3.56 40.40 -38.32
N LEU B 270 -4.13 39.74 -39.34
CA LEU B 270 -4.14 40.30 -40.68
C LEU B 270 -5.39 41.13 -40.99
N ALA B 271 -6.31 41.27 -40.05
CA ALA B 271 -7.51 42.08 -40.27
C ALA B 271 -7.36 43.50 -39.77
N GLY B 272 -6.25 43.84 -39.12
CA GLY B 272 -6.07 45.18 -38.62
C GLY B 272 -6.96 45.49 -37.43
N LYS B 273 -7.00 46.77 -37.08
CA LYS B 273 -7.81 47.33 -35.99
C LYS B 273 -7.46 46.74 -34.63
N SER B 274 -6.35 46.03 -34.53
CA SER B 274 -5.90 45.43 -33.27
C SER B 274 -4.58 46.08 -32.86
N LYS B 275 -4.54 46.61 -31.65
CA LYS B 275 -3.36 47.30 -31.13
C LYS B 275 -2.51 46.32 -30.31
N ILE B 276 -1.83 45.42 -31.03
CA ILE B 276 -0.97 44.45 -30.37
C ILE B 276 0.19 45.15 -29.66
N GLU B 277 0.77 46.17 -30.31
CA GLU B 277 1.88 46.90 -29.72
C GLU B 277 1.44 47.68 -28.48
N ASP B 278 0.19 48.13 -28.44
CA ASP B 278 -0.31 48.79 -27.24
C ASP B 278 -0.37 47.84 -26.06
N TYR B 279 -0.83 46.61 -26.29
CA TYR B 279 -0.86 45.61 -25.22
C TYR B 279 0.54 45.25 -24.77
N PHE B 280 1.44 45.02 -25.72
CA PHE B 280 2.83 44.68 -25.42
C PHE B 280 3.75 45.74 -26.02
N PRO B 281 4.24 46.69 -25.23
CA PRO B 281 5.05 47.78 -25.79
C PRO B 281 6.32 47.31 -26.49
N GLU B 282 6.90 46.19 -26.06
CA GLU B 282 8.15 45.70 -26.63
C GLU B 282 7.94 44.85 -27.87
N PHE B 283 6.70 44.67 -28.32
CA PHE B 283 6.43 43.85 -29.49
C PHE B 283 6.99 44.49 -30.76
N ALA B 284 6.94 45.82 -30.85
CA ALA B 284 7.31 46.49 -32.09
C ALA B 284 8.77 46.23 -32.46
N ARG B 285 9.67 46.29 -31.49
CA ARG B 285 11.09 46.07 -31.74
C ARG B 285 11.45 44.60 -31.52
N TYR B 286 10.96 43.76 -32.42
CA TYR B 286 11.21 42.33 -32.37
C TYR B 286 11.73 41.84 -33.71
N THR B 287 12.56 40.80 -33.65
CA THR B 287 13.09 40.14 -34.85
C THR B 287 13.00 38.64 -34.63
N THR B 288 12.24 38.02 -35.54
CA THR B 288 12.03 36.61 -35.46
C THR B 288 13.37 35.94 -35.25
N PRO B 289 13.42 34.98 -34.32
CA PRO B 289 14.69 34.31 -34.25
C PRO B 289 14.95 33.70 -35.63
N GLU B 290 16.20 33.58 -36.04
CA GLU B 290 16.52 33.05 -37.35
C GLU B 290 16.15 31.58 -37.35
N ASP B 291 15.92 31.01 -36.18
CA ASP B 291 15.57 29.61 -36.03
C ASP B 291 14.17 29.26 -36.52
N ALA B 292 13.39 30.24 -36.91
CA ALA B 292 12.04 29.99 -37.36
C ALA B 292 11.96 28.96 -38.44
N THR B 293 10.92 28.14 -38.42
CA THR B 293 10.70 27.20 -39.50
C THR B 293 9.24 27.27 -39.92
N PRO B 294 8.74 28.45 -40.37
CA PRO B 294 7.30 28.50 -40.60
C PRO B 294 6.82 27.75 -41.82
N GLU B 295 5.58 27.27 -41.76
CA GLU B 295 4.98 26.56 -42.88
C GLU B 295 3.49 26.66 -42.70
N GLU B 298 4.40 32.70 -44.17
CA GLU B 298 3.27 33.18 -44.93
C GLU B 298 3.03 34.67 -44.67
N ASP B 299 3.38 35.11 -43.46
CA ASP B 299 3.26 36.50 -43.07
C ASP B 299 4.31 36.81 -42.01
N PRO B 300 5.31 37.64 -42.33
CA PRO B 300 6.38 37.89 -41.35
C PRO B 300 5.90 38.44 -40.03
N ARG B 301 4.90 39.34 -40.06
CA ARG B 301 4.38 39.90 -38.81
C ARG B 301 3.67 38.83 -37.98
N VAL B 302 2.90 37.96 -38.64
CA VAL B 302 2.18 36.91 -37.92
C VAL B 302 3.15 35.98 -37.21
N THR B 303 4.19 35.53 -37.93
CA THR B 303 5.18 34.66 -37.32
C THR B 303 5.99 35.38 -36.25
N ARG B 304 6.25 36.68 -36.45
CA ARG B 304 6.95 37.44 -35.43
C ARG B 304 6.15 37.50 -34.14
N ALA B 305 4.85 37.75 -34.24
CA ALA B 305 3.99 37.77 -33.06
C ALA B 305 3.90 36.38 -32.43
N LYS B 306 3.78 35.34 -33.25
CA LYS B 306 3.71 33.98 -32.75
C LYS B 306 4.94 33.64 -31.93
N TYR B 307 6.13 33.94 -32.46
CA TYR B 307 7.35 33.65 -31.74
C TYR B 307 7.58 34.62 -30.58
N PHE B 308 6.99 35.80 -30.63
CA PHE B 308 6.98 36.67 -29.45
C PHE B 308 6.24 36.01 -28.31
N ILE B 309 5.06 35.45 -28.60
CA ILE B 309 4.30 34.74 -27.56
C ILE B 309 5.08 33.54 -27.06
N ARG B 310 5.66 32.78 -27.99
CA ARG B 310 6.43 31.59 -27.61
C ARG B 310 7.59 31.95 -26.70
N ASP B 311 8.34 33.01 -27.05
CA ASP B 311 9.48 33.42 -26.25
C ASP B 311 9.03 34.01 -24.92
N GLU B 312 7.88 34.69 -24.89
CA GLU B 312 7.35 35.20 -23.63
C GLU B 312 7.06 34.05 -22.67
N PHE B 313 6.47 32.97 -23.18
CA PHE B 313 6.27 31.79 -22.35
C PHE B 313 7.59 31.17 -21.93
N LEU B 314 8.56 31.10 -22.85
CA LEU B 314 9.84 30.46 -22.55
C LEU B 314 10.70 31.24 -21.56
N ARG B 315 10.51 32.55 -21.44
CA ARG B 315 11.30 33.32 -20.50
C ARG B 315 11.09 32.83 -19.07
N ILE B 316 9.84 32.58 -18.69
CA ILE B 316 9.54 32.15 -17.32
C ILE B 316 10.20 30.81 -17.02
N SER B 317 10.13 29.88 -17.97
CA SER B 317 10.71 28.56 -17.76
C SER B 317 12.24 28.64 -17.73
N THR B 318 12.84 29.49 -18.56
CA THR B 318 14.29 29.62 -18.59
C THR B 318 14.85 30.44 -17.43
N ALA B 319 13.99 31.18 -16.72
CA ALA B 319 14.47 31.98 -15.60
C ALA B 319 15.06 31.11 -14.49
N SER B 320 14.42 29.99 -14.19
CA SER B 320 14.85 29.11 -13.10
C SER B 320 14.67 27.67 -13.55
N GLY B 321 14.74 26.74 -12.60
CA GLY B 321 14.56 25.33 -12.89
C GLY B 321 15.72 24.46 -12.45
N ASP B 322 16.94 24.97 -12.63
CA ASP B 322 18.16 24.27 -12.23
C ASP B 322 18.28 22.90 -12.91
N GLY B 323 17.77 22.79 -14.14
CA GLY B 323 17.90 21.56 -14.91
C GLY B 323 17.25 20.35 -14.30
N ARG B 324 16.07 20.52 -13.69
CA ARG B 324 15.31 19.41 -13.14
C ARG B 324 14.03 19.11 -13.88
N HIS B 325 13.36 20.13 -14.42
CA HIS B 325 12.16 19.95 -15.22
C HIS B 325 12.22 20.89 -16.42
N TYR B 326 11.56 20.48 -17.51
CA TYR B 326 11.67 21.15 -18.79
C TYR B 326 10.28 21.49 -19.32
N CYS B 327 10.25 22.39 -20.30
CA CYS B 327 9.02 22.77 -20.99
C CYS B 327 9.15 22.44 -22.47
N TYR B 328 8.02 22.08 -23.09
CA TYR B 328 7.99 21.60 -24.47
C TYR B 328 6.90 22.35 -25.23
N PRO B 329 7.17 23.58 -25.65
CA PRO B 329 6.14 24.36 -26.35
C PRO B 329 5.80 23.75 -27.69
N HIS B 330 4.56 24.00 -28.13
CA HIS B 330 4.09 23.51 -29.43
C HIS B 330 3.12 24.53 -30.02
N PHE B 331 2.62 24.22 -31.21
CA PHE B 331 1.71 25.10 -31.96
C PHE B 331 0.59 24.24 -32.52
N THR B 332 -0.54 24.21 -31.82
CA THR B 332 -1.65 23.32 -32.15
C THR B 332 -2.82 24.12 -32.73
N CYS B 333 -3.48 23.54 -33.73
CA CYS B 333 -4.69 24.12 -34.29
C CYS B 333 -5.88 23.74 -33.39
N SER B 334 -7.10 23.98 -33.88
CA SER B 334 -8.29 23.65 -33.09
C SER B 334 -8.38 22.15 -32.83
N VAL B 335 -8.30 21.34 -33.89
CA VAL B 335 -8.34 19.89 -33.77
C VAL B 335 -7.29 19.28 -34.69
N ASP B 336 -6.18 18.82 -34.10
CA ASP B 336 -5.11 18.16 -34.84
C ASP B 336 -5.05 16.71 -34.39
N THR B 337 -5.22 15.79 -35.35
CA THR B 337 -5.19 14.36 -35.04
C THR B 337 -3.82 13.91 -34.55
N GLU B 338 -2.76 14.63 -34.93
CA GLU B 338 -1.41 14.26 -34.53
C GLU B 338 -1.18 14.42 -33.03
N ASN B 339 -2.06 15.17 -32.35
CA ASN B 339 -1.81 15.64 -30.99
C ASN B 339 -1.37 14.52 -30.05
N ALA B 340 -2.12 13.41 -30.05
CA ALA B 340 -1.81 12.30 -29.16
C ALA B 340 -0.36 11.88 -29.32
N ARG B 341 0.06 11.60 -30.57
CA ARG B 341 1.44 11.22 -30.83
C ARG B 341 2.40 12.22 -30.22
N ARG B 342 2.13 13.51 -30.43
CA ARG B 342 2.93 14.57 -29.83
C ARG B 342 3.22 14.26 -28.36
N ILE B 343 2.15 14.10 -27.57
CA ILE B 343 2.32 13.87 -26.14
C ILE B 343 3.23 12.67 -25.92
N PHE B 344 2.93 11.57 -26.61
CA PHE B 344 3.74 10.37 -26.53
C PHE B 344 5.22 10.70 -26.62
N ASN B 345 5.62 11.35 -27.71
CA ASN B 345 7.03 11.65 -27.91
C ASN B 345 7.58 12.41 -26.71
N ASP B 346 6.91 13.50 -26.33
CA ASP B 346 7.40 14.30 -25.22
C ASP B 346 7.60 13.43 -23.99
N CYS B 347 6.60 12.61 -23.66
CA CYS B 347 6.67 11.80 -22.46
C CYS B 347 7.92 10.94 -22.48
N ARG B 348 8.18 10.27 -23.62
CA ARG B 348 9.34 9.41 -23.71
C ARG B 348 10.59 10.18 -23.33
N ASP B 349 10.79 11.34 -23.96
CA ASP B 349 12.01 12.11 -23.72
C ASP B 349 12.17 12.33 -22.23
N ILE B 350 11.11 12.76 -21.56
CA ILE B 350 11.21 13.10 -20.14
C ILE B 350 11.76 11.92 -19.37
N ILE B 351 11.15 10.75 -19.54
CA ILE B 351 11.57 9.59 -18.77
C ILE B 351 13.04 9.29 -19.04
N GLN B 352 13.44 9.35 -20.31
CA GLN B 352 14.82 9.06 -20.66
C GLN B 352 15.77 9.93 -19.84
N ARG B 353 15.51 11.24 -19.82
CA ARG B 353 16.42 12.13 -19.12
C ARG B 353 16.49 11.77 -17.64
N MET B 354 15.35 11.43 -17.05
CA MET B 354 15.33 11.04 -15.64
C MET B 354 16.29 9.89 -15.40
N HIS B 355 16.22 8.86 -16.25
CA HIS B 355 17.13 7.73 -16.07
C HIS B 355 18.58 8.18 -16.23
N LEU B 356 18.84 9.03 -17.23
CA LEU B 356 20.21 9.49 -17.44
C LEU B 356 20.70 10.34 -16.28
N ARG B 357 19.95 10.57 -15.28
CA ARG B 357 20.46 11.38 -14.22
C ARG B 357 20.48 10.53 -13.07
N GLN B 358 19.68 9.50 -13.02
CA GLN B 358 19.79 8.60 -11.88
C GLN B 358 21.10 7.83 -11.88
N TYR B 359 21.77 7.72 -13.02
CA TYR B 359 23.00 6.97 -13.17
C TYR B 359 24.24 7.86 -13.27
N GLU B 360 24.09 9.17 -13.06
CA GLU B 360 25.14 10.15 -13.39
C GLU B 360 25.69 9.96 -14.80
N LEU B 361 24.90 9.38 -15.69
CA LEU B 361 25.40 9.06 -17.01
C LEU B 361 25.07 10.14 -18.02
N LEU B 362 24.21 11.09 -17.66
CA LEU B 362 23.95 12.27 -18.49
C LEU B 362 25.21 13.11 -18.65
N VAL C 22 60.59 -11.37 1.74
CA VAL C 22 59.77 -11.35 0.54
C VAL C 22 58.42 -11.98 0.80
N ARG C 23 58.42 -13.07 1.58
CA ARG C 23 57.17 -13.75 1.90
C ARG C 23 56.27 -12.88 2.76
N ALA C 24 56.86 -12.13 3.70
CA ALA C 24 56.05 -11.33 4.62
C ALA C 24 55.28 -10.24 3.88
N SER C 25 55.92 -9.55 2.94
CA SER C 25 55.24 -8.49 2.21
C SER C 25 54.10 -9.03 1.36
N LEU C 26 54.33 -10.15 0.67
CA LEU C 26 53.28 -10.77 -0.12
C LEU C 26 52.12 -11.21 0.77
N TYR C 27 52.43 -11.80 1.92
CA TYR C 27 51.37 -12.21 2.85
C TYR C 27 50.58 -11.02 3.35
N SER C 28 51.25 -9.92 3.68
CA SER C 28 50.55 -8.73 4.17
C SER C 28 49.64 -8.15 3.09
N LEU C 29 50.14 -8.04 1.86
CA LEU C 29 49.31 -7.54 0.77
C LEU C 29 48.11 -8.45 0.54
N MET C 30 48.33 -9.77 0.61
CA MET C 30 47.24 -10.71 0.50
C MET C 30 46.19 -10.44 1.56
N VAL C 31 46.55 -10.60 2.84
CA VAL C 31 45.57 -10.43 3.92
C VAL C 31 44.86 -9.09 3.79
N LEU C 32 45.55 -8.05 3.31
CA LEU C 32 44.86 -6.80 3.02
C LEU C 32 43.77 -6.99 1.98
N ILE C 33 44.09 -7.69 0.88
CA ILE C 33 43.12 -7.87 -0.21
C ILE C 33 41.92 -8.69 0.27
N ILE C 34 42.19 -9.80 0.98
CA ILE C 34 41.11 -10.65 1.49
C ILE C 34 40.24 -9.89 2.48
N LEU C 35 40.86 -9.16 3.42
CA LEU C 35 40.07 -8.38 4.35
C LEU C 35 39.20 -7.37 3.62
N THR C 36 39.70 -6.92 2.49
CA THR C 36 38.96 -6.04 1.65
C THR C 36 37.74 -6.71 1.07
N THR C 37 37.89 -7.80 0.33
CA THR C 37 36.74 -8.40 -0.35
C THR C 37 35.61 -8.86 0.60
N LEU C 38 35.94 -9.31 1.79
CA LEU C 38 34.92 -9.83 2.68
C LEU C 38 34.19 -8.68 3.26
N VAL C 39 34.95 -7.72 3.77
CA VAL C 39 34.32 -6.52 4.32
C VAL C 39 33.36 -5.75 3.39
N GLY C 40 33.85 -5.28 2.23
CA GLY C 40 33.05 -4.51 1.31
C GLY C 40 31.89 -5.30 0.80
N ASN C 41 32.06 -6.53 0.34
CA ASN C 41 30.90 -7.24 -0.11
C ASN C 41 30.00 -7.55 0.96
N LEU C 42 30.43 -7.82 2.17
CA LEU C 42 29.46 -8.08 3.25
C LEU C 42 28.58 -6.91 3.45
N ILE C 43 29.16 -5.71 3.54
CA ILE C 43 28.37 -4.48 3.69
C ILE C 43 27.37 -4.28 2.54
N VAL C 44 27.74 -4.63 1.31
CA VAL C 44 26.79 -4.53 0.23
C VAL C 44 25.75 -5.61 0.41
N ILE C 45 25.96 -6.60 1.24
CA ILE C 45 24.83 -7.47 1.53
C ILE C 45 24.01 -6.92 2.70
N VAL C 46 24.68 -6.42 3.74
CA VAL C 46 23.95 -5.98 4.93
C VAL C 46 23.10 -4.75 4.63
N SER C 47 23.66 -3.79 3.87
CA SER C 47 22.95 -2.55 3.62
C SER C 47 21.68 -2.76 2.80
N ILE C 48 21.67 -3.77 1.92
CA ILE C 48 20.56 -3.97 1.01
C ILE C 48 19.60 -4.99 1.63
N SER C 49 19.92 -5.44 2.84
CA SER C 49 19.11 -6.45 3.53
C SER C 49 18.12 -5.85 4.51
N HIS C 50 18.52 -4.82 5.27
CA HIS C 50 17.68 -4.24 6.30
C HIS C 50 16.95 -2.99 5.83
N PHE C 51 16.95 -2.69 4.53
CA PHE C 51 16.32 -1.50 3.99
C PHE C 51 15.19 -1.89 3.06
N LYS C 52 14.18 -1.01 3.03
CA LYS C 52 12.92 -1.18 2.28
C LYS C 52 12.73 -0.25 1.08
N GLN C 53 13.56 0.73 0.99
CA GLN C 53 13.61 1.58 -0.19
C GLN C 53 14.80 1.24 -1.08
N LEU C 54 15.56 0.20 -0.74
CA LEU C 54 16.62 -0.34 -1.56
C LEU C 54 16.29 -1.75 -2.03
N HIS C 55 15.00 -2.04 -2.20
CA HIS C 55 14.53 -3.37 -2.58
C HIS C 55 13.95 -3.38 -3.99
N THR C 56 14.44 -2.48 -4.84
CA THR C 56 13.99 -2.43 -6.22
C THR C 56 14.44 -3.67 -6.97
N PRO C 57 13.72 -4.07 -8.03
CA PRO C 57 14.10 -5.29 -8.76
C PRO C 57 15.47 -5.22 -9.41
N THR C 58 16.09 -4.05 -9.48
CA THR C 58 17.44 -3.91 -10.02
C THR C 58 18.43 -3.58 -8.90
N ASN C 59 18.17 -4.13 -7.73
CA ASN C 59 19.10 -4.05 -6.61
C ASN C 59 19.33 -5.39 -5.94
N TRP C 60 18.73 -6.47 -6.45
CA TRP C 60 19.03 -7.81 -5.98
C TRP C 60 20.13 -8.48 -6.81
N LEU C 61 20.38 -7.99 -8.02
CA LEU C 61 21.53 -8.46 -8.78
C LEU C 61 22.83 -8.11 -8.08
N ILE C 62 22.93 -6.89 -7.55
CA ILE C 62 24.09 -6.51 -6.76
C ILE C 62 24.18 -7.36 -5.50
N HIS C 63 23.04 -7.71 -4.92
CA HIS C 63 23.02 -8.63 -3.78
C HIS C 63 23.67 -9.96 -4.15
N SER C 64 23.26 -10.56 -5.27
CA SER C 64 23.80 -11.84 -5.68
C SER C 64 25.29 -11.73 -6.00
N MET C 65 25.69 -10.65 -6.67
CA MET C 65 27.11 -10.47 -6.98
C MET C 65 27.94 -10.34 -5.71
N ALA C 66 27.42 -9.61 -4.71
CA ALA C 66 28.14 -9.46 -3.44
C ALA C 66 28.26 -10.80 -2.72
N THR C 67 27.19 -11.59 -2.70
CA THR C 67 27.27 -12.91 -2.07
C THR C 67 28.29 -13.79 -2.80
N VAL C 68 28.31 -13.72 -4.14
CA VAL C 68 29.27 -14.49 -4.90
C VAL C 68 30.70 -14.08 -4.55
N ASP C 69 30.95 -12.78 -4.48
CA ASP C 69 32.30 -12.29 -4.17
C ASP C 69 32.71 -12.69 -2.75
N PHE C 70 31.79 -12.58 -1.79
CA PHE C 70 32.09 -12.96 -0.42
C PHE C 70 32.44 -14.44 -0.32
N LEU C 71 31.61 -15.29 -0.94
CA LEU C 71 31.89 -16.72 -0.96
C LEU C 71 33.23 -17.01 -1.62
N LEU C 72 33.50 -16.35 -2.75
CA LEU C 72 34.77 -16.57 -3.45
C LEU C 72 35.95 -16.25 -2.54
N GLY C 73 35.94 -15.06 -1.95
CA GLY C 73 37.01 -14.68 -1.05
C GLY C 73 37.20 -15.70 0.06
N CYS C 74 36.15 -15.91 0.85
CA CYS C 74 36.29 -16.71 2.06
C CYS C 74 36.65 -18.16 1.76
N LEU C 75 36.06 -18.76 0.72
CA LEU C 75 36.36 -20.16 0.41
C LEU C 75 37.64 -20.37 -0.39
N VAL C 76 38.16 -19.37 -1.10
CA VAL C 76 39.23 -19.65 -2.07
C VAL C 76 40.51 -18.87 -1.83
N MET C 77 40.49 -17.65 -1.30
CA MET C 77 41.72 -16.85 -1.30
C MET C 77 42.75 -17.33 -0.27
N PRO C 78 42.35 -17.69 0.95
CA PRO C 78 43.34 -18.25 1.88
C PRO C 78 44.07 -19.47 1.33
N TYR C 79 43.36 -20.33 0.60
CA TYR C 79 44.04 -21.47 -0.02
C TYR C 79 44.95 -21.01 -1.16
N SER C 80 44.61 -19.90 -1.82
CA SER C 80 45.50 -19.35 -2.83
C SER C 80 46.81 -18.91 -2.21
N MET C 81 46.76 -18.29 -1.02
CA MET C 81 47.99 -18.00 -0.27
C MET C 81 48.68 -19.27 0.24
N VAL C 82 47.90 -20.32 0.55
CA VAL C 82 48.52 -21.58 0.92
C VAL C 82 49.37 -22.09 -0.23
N ARG C 83 48.88 -21.96 -1.45
CA ARG C 83 49.63 -22.36 -2.64
C ARG C 83 50.72 -21.36 -3.02
N SER C 84 50.59 -20.10 -2.59
CA SER C 84 51.36 -18.98 -3.14
C SER C 84 52.86 -19.23 -3.30
N ALA C 85 53.58 -19.46 -2.20
CA ALA C 85 55.03 -19.59 -2.23
C ALA C 85 55.50 -21.04 -2.09
N GLU C 86 54.62 -21.95 -1.70
CA GLU C 86 55.02 -23.34 -1.51
C GLU C 86 55.40 -23.99 -2.83
N HIS C 87 54.78 -23.55 -3.93
CA HIS C 87 54.91 -24.04 -5.30
C HIS C 87 54.20 -25.39 -5.46
N CYS C 88 53.74 -25.88 -4.31
CA CYS C 88 53.04 -27.15 -4.16
C CYS C 88 52.11 -27.23 -2.93
N TRP C 89 50.92 -27.73 -3.22
CA TRP C 89 49.77 -28.00 -2.38
C TRP C 89 49.84 -29.04 -1.28
N TYR C 90 49.75 -28.57 -0.05
CA TYR C 90 49.75 -29.41 1.09
C TYR C 90 48.63 -30.36 1.04
N PHE C 91 47.45 -29.90 0.71
CA PHE C 91 46.29 -30.75 0.72
C PHE C 91 46.21 -31.82 -0.33
N GLY C 92 45.19 -32.62 -0.17
CA GLY C 92 45.04 -33.80 -0.96
C GLY C 92 44.84 -33.77 -2.42
N GLU C 93 45.25 -34.82 -3.07
CA GLU C 93 45.17 -35.00 -4.51
C GLU C 93 43.76 -34.99 -5.01
N VAL C 94 42.81 -35.49 -4.23
CA VAL C 94 41.41 -35.32 -4.60
C VAL C 94 40.81 -34.19 -3.75
N PHE C 95 41.63 -33.56 -2.92
CA PHE C 95 41.22 -32.44 -2.06
C PHE C 95 41.63 -31.09 -2.64
N CYS C 96 42.07 -31.12 -3.90
CA CYS C 96 42.46 -29.98 -4.64
C CYS C 96 41.48 -29.97 -5.72
N LYS C 97 41.09 -31.11 -6.31
CA LYS C 97 40.10 -31.15 -7.43
C LYS C 97 38.80 -30.26 -7.37
N ILE C 98 38.24 -30.16 -6.16
CA ILE C 98 37.06 -29.42 -5.79
C ILE C 98 37.46 -27.97 -5.67
N HIS C 99 38.66 -27.70 -5.16
CA HIS C 99 39.05 -26.29 -5.11
C HIS C 99 39.08 -25.67 -6.50
N THR C 100 39.57 -26.41 -7.50
CA THR C 100 39.61 -25.90 -8.86
C THR C 100 38.20 -25.64 -9.39
N SER C 101 37.27 -26.58 -9.15
CA SER C 101 35.90 -26.40 -9.60
C SER C 101 35.20 -25.27 -8.85
N THR C 102 35.56 -25.05 -7.58
CA THR C 102 35.05 -23.88 -6.87
C THR C 102 35.56 -22.60 -7.52
N ASP C 103 36.81 -22.60 -7.96
CA ASP C 103 37.41 -21.43 -8.58
C ASP C 103 36.98 -21.17 -10.02
N ILE C 104 36.48 -22.20 -10.70
CA ILE C 104 36.04 -22.06 -12.09
C ILE C 104 34.54 -21.80 -12.12
N MET C 105 33.94 -21.62 -10.95
CA MET C 105 32.52 -21.33 -10.83
C MET C 105 32.24 -19.87 -10.45
N LEU C 106 32.94 -19.37 -9.43
CA LEU C 106 32.58 -18.11 -8.82
C LEU C 106 32.96 -16.92 -9.70
N SER C 107 34.12 -16.99 -10.34
CA SER C 107 34.51 -15.93 -11.28
C SER C 107 33.54 -15.84 -12.44
N SER C 108 33.13 -16.99 -12.98
CA SER C 108 32.16 -17.01 -14.06
C SER C 108 30.83 -16.44 -13.60
N ALA C 109 30.40 -16.78 -12.38
CA ALA C 109 29.16 -16.22 -11.87
C ALA C 109 29.24 -14.70 -11.73
N SER C 110 30.37 -14.19 -11.22
CA SER C 110 30.53 -12.75 -11.08
C SER C 110 30.48 -12.05 -12.44
N ILE C 111 31.16 -12.63 -13.44
CA ILE C 111 31.20 -12.03 -14.76
C ILE C 111 29.80 -12.03 -15.38
N PHE C 112 29.05 -13.13 -15.22
CA PHE C 112 27.70 -13.19 -15.74
C PHE C 112 26.80 -12.16 -15.08
N HIS C 113 26.95 -11.97 -13.77
CA HIS C 113 26.18 -10.92 -13.09
C HIS C 113 26.55 -9.55 -13.62
N LEU C 114 27.83 -9.33 -13.93
CA LEU C 114 28.26 -8.08 -14.52
C LEU C 114 27.54 -7.83 -15.85
N SER C 115 27.49 -8.87 -16.69
CA SER C 115 26.83 -8.75 -17.99
C SER C 115 25.34 -8.48 -17.84
N PHE C 116 24.69 -9.15 -16.88
CA PHE C 116 23.26 -8.95 -16.69
C PHE C 116 22.96 -7.55 -16.17
N ILE C 117 23.82 -7.02 -15.30
CA ILE C 117 23.68 -5.62 -14.86
C ILE C 117 23.79 -4.69 -16.06
N SER C 118 24.72 -4.98 -16.97
CA SER C 118 24.85 -4.15 -18.17
C SER C 118 23.58 -4.20 -19.02
N ILE C 119 22.99 -5.39 -19.17
CA ILE C 119 21.76 -5.50 -19.96
C ILE C 119 20.62 -4.71 -19.31
N ASP C 120 20.51 -4.80 -17.98
CA ASP C 120 19.50 -4.01 -17.27
C ASP C 120 19.70 -2.52 -17.52
N ARG C 121 20.95 -2.05 -17.40
CA ARG C 121 21.20 -0.63 -17.62
C ARG C 121 20.94 -0.23 -19.07
N TYR C 122 21.06 -1.17 -20.01
CA TYR C 122 20.67 -0.88 -21.38
C TYR C 122 19.17 -0.67 -21.49
N TYR C 123 18.39 -1.60 -20.92
CA TYR C 123 16.94 -1.44 -20.97
C TYR C 123 16.45 -0.26 -20.16
N ALA C 124 17.29 0.32 -19.31
CA ALA C 124 16.89 1.53 -18.58
C ALA C 124 16.68 2.71 -19.52
N VAL C 125 17.56 2.89 -20.51
CA VAL C 125 17.53 4.09 -21.35
C VAL C 125 17.37 3.75 -22.83
N CYS C 126 16.76 2.61 -23.13
CA CYS C 126 16.47 2.23 -24.51
C CYS C 126 15.03 2.55 -24.88
N ASP C 127 14.07 2.01 -24.12
CA ASP C 127 12.65 2.32 -24.26
C ASP C 127 12.16 2.73 -22.88
N PRO C 128 12.37 3.99 -22.50
CA PRO C 128 12.08 4.40 -21.11
C PRO C 128 10.62 4.28 -20.71
N LEU C 129 9.69 4.23 -21.67
CA LEU C 129 8.28 4.12 -21.33
C LEU C 129 7.94 2.71 -20.84
N ARG C 130 8.47 1.69 -21.50
CA ARG C 130 8.15 0.30 -21.17
C ARG C 130 9.22 -0.35 -20.30
N TYR C 131 9.85 0.41 -19.41
CA TYR C 131 10.85 -0.16 -18.51
C TYR C 131 10.18 -0.98 -17.42
N LYS C 132 9.27 -0.36 -16.65
CA LYS C 132 8.72 -0.99 -15.46
C LYS C 132 8.02 -2.31 -15.79
N ALA C 133 7.30 -2.35 -16.91
CA ALA C 133 6.59 -3.57 -17.29
C ALA C 133 7.53 -4.66 -17.77
N LYS C 134 8.72 -4.31 -18.24
CA LYS C 134 9.57 -5.26 -18.94
C LYS C 134 10.53 -6.02 -18.03
N MET C 135 10.90 -5.46 -16.88
CA MET C 135 11.96 -6.04 -16.06
C MET C 135 11.51 -6.15 -14.60
N ASN C 136 10.35 -6.76 -14.39
CA ASN C 136 9.86 -7.02 -13.05
C ASN C 136 10.72 -8.08 -12.36
N ILE C 137 10.32 -8.45 -11.13
CA ILE C 137 11.17 -9.29 -10.28
C ILE C 137 11.32 -10.70 -10.85
N LEU C 138 10.37 -11.13 -11.68
CA LEU C 138 10.40 -12.47 -12.25
C LEU C 138 11.60 -12.67 -13.15
N VAL C 139 11.85 -11.68 -14.00
CA VAL C 139 12.99 -11.74 -14.92
C VAL C 139 14.30 -11.67 -14.15
N ILE C 140 14.34 -10.87 -13.10
CA ILE C 140 15.56 -10.76 -12.29
C ILE C 140 15.87 -12.09 -11.61
N CYS C 141 14.84 -12.75 -11.06
CA CYS C 141 15.05 -14.06 -10.45
C CYS C 141 15.52 -15.08 -11.47
N VAL C 142 14.94 -15.05 -12.68
CA VAL C 142 15.37 -15.97 -13.72
C VAL C 142 16.83 -15.73 -14.08
N MET C 143 17.22 -14.45 -14.19
CA MET C 143 18.61 -14.13 -14.52
C MET C 143 19.57 -14.62 -13.44
N ILE C 144 19.20 -14.42 -12.17
CA ILE C 144 20.05 -14.91 -11.07
C ILE C 144 20.17 -16.42 -11.12
N PHE C 145 19.04 -17.11 -11.33
CA PHE C 145 19.06 -18.57 -11.38
C PHE C 145 19.95 -19.07 -12.51
N ILE C 146 19.85 -18.46 -13.69
CA ILE C 146 20.68 -18.91 -14.81
C ILE C 146 22.15 -18.63 -14.53
N SER C 147 22.46 -17.39 -14.11
CA SER C 147 23.85 -16.99 -13.90
C SER C 147 24.49 -17.74 -12.74
N TRP C 148 23.69 -18.43 -11.95
CA TRP C 148 24.20 -19.20 -10.82
C TRP C 148 24.21 -20.71 -11.10
N SER C 149 23.34 -21.16 -12.00
CA SER C 149 23.26 -22.57 -12.33
C SER C 149 24.27 -22.96 -13.42
N VAL C 150 24.31 -22.19 -14.51
CA VAL C 150 25.14 -22.57 -15.65
C VAL C 150 26.62 -22.69 -15.28
N PRO C 151 27.26 -21.69 -14.67
CA PRO C 151 28.69 -21.85 -14.34
C PRO C 151 28.97 -23.00 -13.40
N ALA C 152 28.09 -23.25 -12.42
CA ALA C 152 28.31 -24.37 -11.51
C ALA C 152 28.34 -25.69 -12.28
N VAL C 153 27.33 -25.93 -13.10
CA VAL C 153 27.20 -27.14 -13.89
C VAL C 153 28.43 -27.33 -14.76
N PHE C 154 28.72 -26.42 -15.66
CA PHE C 154 29.89 -26.60 -16.54
C PHE C 154 31.26 -26.51 -15.91
N ALA C 155 31.41 -25.84 -14.80
CA ALA C 155 32.69 -25.90 -14.09
C ALA C 155 32.90 -27.25 -13.44
N PHE C 156 31.86 -27.79 -12.79
CA PHE C 156 32.01 -29.10 -12.17
C PHE C 156 32.22 -30.18 -13.23
N GLY C 157 31.50 -30.08 -14.36
CA GLY C 157 31.71 -31.05 -15.42
C GLY C 157 33.12 -31.00 -15.99
N MET C 158 33.65 -29.80 -16.19
CA MET C 158 35.00 -29.66 -16.75
C MET C 158 36.06 -30.11 -15.76
N ILE C 159 35.86 -29.83 -14.46
CA ILE C 159 36.92 -30.07 -13.48
C ILE C 159 36.86 -31.46 -12.84
N PHE C 160 35.76 -32.20 -13.00
CA PHE C 160 35.66 -33.52 -12.40
C PHE C 160 35.56 -34.66 -13.41
N LEU C 161 35.21 -34.38 -14.66
CA LEU C 161 35.17 -35.42 -15.68
C LEU C 161 36.51 -35.62 -16.38
N GLU C 162 37.53 -34.84 -16.01
CA GLU C 162 38.86 -34.93 -16.60
C GLU C 162 38.81 -34.79 -18.13
N LEU C 163 37.96 -33.88 -18.59
CA LEU C 163 37.79 -33.64 -20.01
C LEU C 163 38.64 -32.48 -20.53
N ASN C 164 39.45 -31.86 -19.69
CA ASN C 164 40.26 -30.73 -20.13
C ASN C 164 41.62 -31.16 -20.66
N PHE C 165 42.15 -32.31 -20.22
CA PHE C 165 43.41 -32.84 -20.73
C PHE C 165 43.22 -34.16 -21.45
N LYS C 166 42.03 -34.38 -22.01
CA LYS C 166 41.75 -35.63 -22.71
C LYS C 166 42.67 -35.80 -23.91
N GLY C 167 43.39 -36.91 -23.94
CA GLY C 167 44.36 -37.18 -24.98
C GLY C 167 45.71 -36.54 -24.78
N ALA C 168 45.93 -35.84 -23.66
CA ALA C 168 47.19 -35.17 -23.36
C ALA C 168 47.66 -35.55 -21.96
N GLU C 169 47.63 -36.86 -21.67
CA GLU C 169 48.00 -37.33 -20.34
C GLU C 169 49.47 -37.04 -20.03
N GLU C 170 50.36 -37.26 -21.01
CA GLU C 170 51.78 -37.08 -20.77
C GLU C 170 52.11 -35.63 -20.44
N ILE C 171 51.56 -34.68 -21.20
CA ILE C 171 51.84 -33.27 -20.95
C ILE C 171 51.32 -32.85 -19.59
N TYR C 172 50.10 -33.26 -19.25
CA TYR C 172 49.54 -32.92 -17.94
C TYR C 172 50.37 -33.50 -16.82
N TYR C 173 50.79 -34.76 -16.94
CA TYR C 173 51.60 -35.38 -15.90
C TYR C 173 52.95 -34.68 -15.75
N LYS C 174 53.61 -34.37 -16.86
CA LYS C 174 54.90 -33.70 -16.79
C LYS C 174 54.77 -32.31 -16.17
N HIS C 175 53.76 -31.55 -16.57
CA HIS C 175 53.57 -30.21 -16.04
C HIS C 175 53.21 -30.25 -14.56
N VAL C 176 52.40 -31.22 -14.14
CA VAL C 176 52.06 -31.36 -12.73
C VAL C 176 53.31 -31.72 -11.93
N HIS C 177 54.15 -32.62 -12.46
CA HIS C 177 55.38 -32.97 -11.77
C HIS C 177 56.32 -31.77 -11.66
N CYS C 178 56.33 -30.91 -12.68
CA CYS C 178 57.18 -29.72 -12.63
C CYS C 178 56.78 -28.80 -11.48
N ARG C 179 55.48 -28.62 -11.27
CA ARG C 179 54.96 -27.79 -10.20
C ARG C 179 55.50 -26.36 -10.25
N SER C 183 46.81 -28.83 -10.94
CA SER C 183 47.09 -27.45 -11.34
C SER C 183 46.20 -27.04 -12.51
N VAL C 184 45.76 -25.77 -12.51
CA VAL C 184 44.83 -25.28 -13.53
C VAL C 184 45.57 -25.31 -14.88
N PHE C 185 45.21 -26.31 -15.63
CA PHE C 185 45.82 -26.60 -16.91
C PHE C 185 44.81 -26.89 -18.01
N PHE C 186 44.97 -26.33 -19.22
CA PHE C 186 44.02 -26.51 -20.31
C PHE C 186 44.75 -27.01 -21.55
N SER C 187 44.04 -27.79 -22.36
CA SER C 187 44.56 -28.25 -23.62
C SER C 187 44.11 -27.31 -24.75
N LYS C 188 44.51 -27.63 -25.98
CA LYS C 188 44.13 -26.82 -27.12
C LYS C 188 42.61 -26.83 -27.34
N ILE C 189 41.99 -28.00 -27.22
CA ILE C 189 40.59 -28.15 -27.56
C ILE C 189 39.70 -27.39 -26.58
N SER C 190 39.92 -27.60 -25.28
CA SER C 190 39.01 -27.06 -24.27
C SER C 190 39.37 -25.65 -23.82
N GLY C 191 40.62 -25.23 -24.01
CA GLY C 191 40.98 -23.87 -23.62
C GLY C 191 40.26 -22.82 -24.45
N VAL C 192 40.07 -23.16 -25.72
CA VAL C 192 39.40 -22.29 -26.67
C VAL C 192 38.05 -22.13 -26.12
N LEU C 193 37.37 -23.23 -25.84
CA LEU C 193 36.06 -23.06 -25.34
C LEU C 193 35.96 -22.34 -24.03
N THR C 194 36.83 -22.53 -23.06
CA THR C 194 36.65 -21.77 -21.84
C THR C 194 36.78 -20.33 -22.10
N PHE C 195 37.75 -19.90 -22.88
CA PHE C 195 37.90 -18.50 -23.13
C PHE C 195 36.70 -17.96 -23.85
N MET C 196 36.28 -18.72 -24.86
CA MET C 196 35.14 -18.36 -25.69
C MET C 196 33.81 -18.26 -24.95
N THR C 197 33.57 -19.12 -23.96
CA THR C 197 32.30 -19.04 -23.27
C THR C 197 32.37 -18.40 -21.96
N SER C 198 33.48 -17.80 -21.61
CA SER C 198 33.48 -17.13 -20.38
C SER C 198 34.05 -15.77 -20.43
N PHE C 199 34.61 -15.27 -21.57
CA PHE C 199 35.02 -13.88 -21.73
C PHE C 199 34.58 -13.14 -22.98
N TYR C 200 34.70 -13.78 -24.14
CA TYR C 200 34.35 -13.09 -25.36
C TYR C 200 32.89 -12.70 -25.43
N ILE C 201 31.99 -13.60 -25.05
CA ILE C 201 30.58 -13.29 -25.05
C ILE C 201 30.28 -12.06 -24.19
N PRO C 202 30.77 -12.06 -22.94
CA PRO C 202 30.54 -10.95 -22.01
C PRO C 202 31.12 -9.65 -22.53
N GLY C 203 32.30 -9.72 -23.13
CA GLY C 203 32.97 -8.54 -23.67
C GLY C 203 32.19 -7.94 -24.82
N SER C 204 31.64 -8.82 -25.66
CA SER C 204 30.87 -8.43 -26.82
C SER C 204 29.52 -7.81 -26.48
N ILE C 205 29.03 -7.98 -25.25
CA ILE C 205 27.72 -7.38 -24.99
C ILE C 205 27.87 -6.10 -24.18
N MET C 206 28.67 -6.16 -23.11
CA MET C 206 28.86 -4.98 -22.27
C MET C 206 29.47 -3.82 -23.05
N LEU C 207 30.47 -4.12 -23.87
CA LEU C 207 31.14 -3.07 -24.64
C LEU C 207 30.19 -2.42 -25.64
N CYS C 208 29.45 -3.24 -26.39
CA CYS C 208 28.53 -2.68 -27.38
C CYS C 208 27.41 -1.90 -26.73
N VAL C 209 26.86 -2.42 -25.62
CA VAL C 209 25.81 -1.72 -24.89
C VAL C 209 26.28 -0.36 -24.41
N TYR C 210 27.46 -0.31 -23.79
CA TYR C 210 27.92 0.98 -23.29
C TYR C 210 28.37 1.90 -24.42
N TYR C 211 28.76 1.37 -25.58
CA TYR C 211 29.01 2.26 -26.71
C TYR C 211 27.72 2.92 -27.19
N ARG C 212 26.65 2.13 -27.32
CA ARG C 212 25.36 2.70 -27.72
C ARG C 212 24.88 3.73 -26.70
N ILE C 213 25.02 3.41 -25.41
CA ILE C 213 24.63 4.35 -24.37
C ILE C 213 25.50 5.60 -24.40
N TYR C 214 26.79 5.46 -24.74
CA TYR C 214 27.64 6.63 -24.95
C TYR C 214 27.09 7.51 -26.06
N LEU C 215 26.69 6.92 -27.18
CA LEU C 215 26.13 7.72 -28.27
C LEU C 215 24.89 8.48 -27.81
N ILE C 216 23.97 7.77 -27.14
CA ILE C 216 22.71 8.39 -26.72
C ILE C 216 22.99 9.52 -25.72
N ALA C 217 23.85 9.26 -24.74
CA ALA C 217 24.13 10.26 -23.72
C ALA C 217 24.85 11.46 -24.30
N LYS C 218 25.77 11.24 -25.26
CA LYS C 218 26.46 12.35 -25.89
C LYS C 218 25.47 13.23 -26.66
N GLU C 219 24.55 12.61 -27.41
CA GLU C 219 23.60 13.40 -28.17
C GLU C 219 22.66 14.17 -27.25
N GLN C 220 22.17 13.54 -26.18
CA GLN C 220 21.33 14.24 -25.22
C GLN C 220 22.06 15.39 -24.55
N ALA C 221 23.33 15.17 -24.17
CA ALA C 221 24.10 16.24 -23.54
C ALA C 221 24.34 17.39 -24.49
N ARG C 222 24.59 17.09 -25.77
CA ARG C 222 24.79 18.16 -26.75
C ARG C 222 23.49 18.94 -26.97
N LEU C 223 22.35 18.28 -26.90
CA LEU C 223 21.08 18.99 -27.06
C LEU C 223 20.89 20.06 -25.99
N ILE C 224 21.19 19.72 -24.73
CA ILE C 224 21.03 20.68 -23.65
C ILE C 224 22.22 21.62 -23.61
N ARG C 247 30.79 16.87 -19.56
CA ARG C 247 30.78 15.57 -20.21
C ARG C 247 31.00 14.45 -19.20
N LYS C 248 29.97 14.15 -18.40
CA LYS C 248 30.05 13.11 -17.40
C LYS C 248 29.82 11.71 -17.97
N ALA C 249 29.40 11.61 -19.23
CA ALA C 249 29.15 10.30 -19.82
C ALA C 249 30.45 9.51 -19.97
N VAL C 250 31.54 10.17 -20.29
CA VAL C 250 32.80 9.47 -20.55
C VAL C 250 33.35 8.86 -19.25
N LYS C 251 33.25 9.58 -18.14
CA LYS C 251 33.99 9.20 -16.93
C LYS C 251 33.53 7.85 -16.39
N THR C 252 32.22 7.70 -16.17
CA THR C 252 31.71 6.48 -15.54
C THR C 252 31.95 5.27 -16.43
N LEU C 253 31.64 5.38 -17.71
CA LEU C 253 31.82 4.26 -18.63
C LEU C 253 33.29 3.90 -18.77
N GLY C 254 34.16 4.91 -18.86
CA GLY C 254 35.58 4.62 -18.91
C GLY C 254 36.07 3.90 -17.67
N ILE C 255 35.64 4.36 -16.49
CA ILE C 255 36.05 3.70 -15.25
C ILE C 255 35.61 2.24 -15.27
N VAL C 256 34.34 2.00 -15.56
CA VAL C 256 33.82 0.63 -15.48
C VAL C 256 34.52 -0.28 -16.48
N MET C 257 34.57 0.13 -17.74
CA MET C 257 35.13 -0.75 -18.76
C MET C 257 36.63 -0.92 -18.62
N GLY C 258 37.34 0.16 -18.25
CA GLY C 258 38.76 0.03 -18.01
C GLY C 258 39.08 -0.90 -16.87
N VAL C 259 38.34 -0.79 -15.76
CA VAL C 259 38.56 -1.69 -14.64
C VAL C 259 38.35 -3.13 -15.07
N PHE C 260 37.22 -3.40 -15.73
CA PHE C 260 36.91 -4.77 -16.14
C PHE C 260 37.99 -5.32 -17.08
N LEU C 261 38.40 -4.53 -18.07
CA LEU C 261 39.35 -5.01 -19.06
C LEU C 261 40.73 -5.23 -18.44
N ILE C 262 41.24 -4.24 -17.71
CA ILE C 262 42.57 -4.37 -17.13
C ILE C 262 42.60 -5.50 -16.10
N CYS C 263 41.44 -5.82 -15.51
CA CYS C 263 41.42 -6.88 -14.52
C CYS C 263 41.36 -8.27 -15.15
N TRP C 264 40.59 -8.45 -16.21
CA TRP C 264 40.45 -9.80 -16.77
C TRP C 264 41.30 -10.08 -18.00
N CYS C 265 41.31 -9.18 -18.99
CA CYS C 265 41.75 -9.56 -20.33
C CYS C 265 43.14 -10.18 -20.40
N PRO C 266 44.17 -9.67 -19.72
CA PRO C 266 45.48 -10.34 -19.81
C PRO C 266 45.46 -11.81 -19.38
N PHE C 267 44.68 -12.14 -18.35
CA PHE C 267 44.63 -13.52 -17.87
C PHE C 267 44.20 -14.47 -18.97
N PHE C 268 43.05 -14.21 -19.60
CA PHE C 268 42.56 -15.11 -20.62
C PHE C 268 43.37 -15.02 -21.91
N ILE C 269 43.96 -13.85 -22.18
CA ILE C 269 44.85 -13.74 -23.34
C ILE C 269 46.02 -14.71 -23.20
N CYS C 270 46.68 -14.70 -22.04
CA CYS C 270 47.75 -15.67 -21.81
C CYS C 270 47.23 -17.09 -21.71
N THR C 271 46.00 -17.26 -21.20
CA THR C 271 45.42 -18.59 -21.06
C THR C 271 45.25 -19.27 -22.41
N VAL C 272 44.90 -18.50 -23.45
CA VAL C 272 44.86 -19.07 -24.79
C VAL C 272 46.20 -19.02 -25.52
N MET C 273 47.10 -18.11 -25.14
CA MET C 273 48.41 -18.09 -25.77
C MET C 273 49.21 -19.33 -25.41
N ASP C 274 49.16 -19.75 -24.15
CA ASP C 274 50.05 -20.83 -23.69
C ASP C 274 49.85 -22.15 -24.42
N PRO C 275 48.63 -22.67 -24.61
CA PRO C 275 48.50 -23.97 -25.31
C PRO C 275 49.08 -23.97 -26.71
N PHE C 276 48.92 -22.89 -27.47
CA PHE C 276 49.38 -22.87 -28.85
C PHE C 276 50.88 -22.65 -28.96
N LEU C 277 51.52 -22.11 -27.93
CA LEU C 277 52.97 -22.05 -27.87
C LEU C 277 53.50 -23.28 -27.13
N HIS C 278 54.78 -23.26 -26.77
CA HIS C 278 55.44 -24.38 -26.11
C HIS C 278 55.46 -24.23 -24.59
N TYR C 279 54.45 -23.59 -24.01
CA TYR C 279 54.35 -23.38 -22.57
C TYR C 279 55.58 -22.65 -22.03
N ILE C 280 56.08 -21.68 -22.81
CA ILE C 280 57.27 -20.94 -22.42
C ILE C 280 57.00 -19.84 -21.40
N ILE C 281 55.74 -19.56 -21.11
CA ILE C 281 55.42 -18.49 -20.16
C ILE C 281 55.82 -18.92 -18.75
N PRO C 282 56.62 -18.13 -18.04
CA PRO C 282 56.97 -18.50 -16.66
C PRO C 282 55.73 -18.44 -15.76
N PRO C 283 55.66 -19.30 -14.75
CA PRO C 283 54.52 -19.25 -13.82
C PRO C 283 54.46 -17.99 -12.98
N THR C 284 55.57 -17.26 -12.86
CA THR C 284 55.59 -16.04 -12.06
C THR C 284 54.70 -14.95 -12.65
N LEU C 285 54.38 -15.04 -13.94
CA LEU C 285 53.39 -14.16 -14.54
C LEU C 285 51.98 -14.71 -14.40
N ASN C 286 51.85 -16.04 -14.41
CA ASN C 286 50.53 -16.66 -14.22
C ASN C 286 49.98 -16.32 -12.84
N ASP C 287 50.84 -16.31 -11.82
CA ASP C 287 50.37 -15.95 -10.47
C ASP C 287 49.84 -14.51 -10.43
N VAL C 288 50.56 -13.59 -11.07
CA VAL C 288 50.13 -12.20 -11.10
C VAL C 288 48.82 -12.06 -11.87
N LEU C 289 48.65 -12.84 -12.93
CA LEU C 289 47.39 -12.82 -13.67
C LEU C 289 46.24 -13.34 -12.81
N ILE C 290 46.49 -14.40 -12.04
CA ILE C 290 45.48 -14.92 -11.13
C ILE C 290 45.09 -13.87 -10.10
N TRP C 291 46.06 -13.12 -9.59
CA TRP C 291 45.70 -12.10 -8.62
C TRP C 291 45.07 -10.86 -9.23
N PHE C 292 45.33 -10.55 -10.50
CA PHE C 292 44.50 -9.54 -11.16
C PHE C 292 43.06 -10.00 -11.27
N GLY C 293 42.85 -11.27 -11.64
CA GLY C 293 41.51 -11.80 -11.69
C GLY C 293 40.81 -11.75 -10.35
N TYR C 294 41.56 -11.95 -9.28
CA TYR C 294 41.01 -11.90 -7.93
C TYR C 294 40.72 -10.46 -7.53
N LEU C 295 41.64 -9.56 -7.87
CA LEU C 295 41.50 -8.13 -7.56
C LEU C 295 40.26 -7.54 -8.20
N ASN C 296 39.87 -8.04 -9.37
CA ASN C 296 38.65 -7.55 -9.99
C ASN C 296 37.47 -7.70 -9.04
N SER C 297 37.38 -8.85 -8.36
CA SER C 297 36.24 -9.14 -7.50
C SER C 297 36.16 -8.18 -6.32
N THR C 298 37.30 -7.79 -5.75
CA THR C 298 37.25 -6.83 -4.65
C THR C 298 37.03 -5.41 -5.16
N PHE C 299 37.40 -5.11 -6.41
CA PHE C 299 37.10 -3.79 -6.96
C PHE C 299 35.65 -3.65 -7.42
N ASN C 300 34.96 -4.76 -7.71
CA ASN C 300 33.59 -4.68 -8.22
C ASN C 300 32.63 -3.96 -7.28
N PRO C 301 32.50 -4.35 -6.01
CA PRO C 301 31.45 -3.74 -5.18
C PRO C 301 31.65 -2.27 -4.96
N MET C 302 32.90 -1.80 -4.83
CA MET C 302 33.12 -0.36 -4.70
C MET C 302 32.52 0.38 -5.87
N VAL C 303 32.88 -0.03 -7.09
CA VAL C 303 32.44 0.61 -8.32
C VAL C 303 30.92 0.63 -8.40
N TYR C 304 30.27 -0.54 -8.30
CA TYR C 304 28.83 -0.55 -8.52
C TYR C 304 28.05 -0.04 -7.31
N ALA C 305 28.27 -0.63 -6.12
CA ALA C 305 27.43 -0.28 -4.98
C ALA C 305 27.72 1.12 -4.44
N PHE C 306 28.89 1.66 -4.59
CA PHE C 306 29.13 2.93 -3.92
C PHE C 306 29.19 4.14 -4.71
N PHE C 307 29.69 4.03 -5.94
CA PHE C 307 29.84 5.20 -6.80
C PHE C 307 28.54 5.97 -7.02
N TYR C 308 27.41 5.34 -6.67
CA TYR C 308 26.10 5.97 -6.87
C TYR C 308 25.62 6.64 -5.58
N PRO C 309 25.22 7.91 -5.65
CA PRO C 309 24.82 8.64 -4.43
C PRO C 309 23.74 7.99 -3.58
N TRP C 310 22.70 7.40 -4.19
CA TRP C 310 21.57 6.94 -3.40
C TRP C 310 21.97 5.90 -2.37
N PHE C 311 22.81 4.93 -2.76
CA PHE C 311 23.27 3.93 -1.81
C PHE C 311 24.21 4.56 -0.78
N ARG C 312 24.99 5.56 -1.19
CA ARG C 312 25.86 6.28 -0.26
C ARG C 312 25.03 6.94 0.84
N LYS C 313 23.96 7.63 0.46
CA LYS C 313 23.09 8.28 1.43
C LYS C 313 22.37 7.27 2.31
N ALA C 314 21.94 6.14 1.73
CA ALA C 314 21.31 5.11 2.54
C ALA C 314 22.27 4.55 3.59
N LEU C 315 23.52 4.29 3.19
CA LEU C 315 24.52 3.81 4.13
C LEU C 315 24.81 4.84 5.21
N LYS C 316 24.91 6.12 4.82
CA LYS C 316 25.17 7.17 5.79
C LYS C 316 24.03 7.29 6.80
N MET C 317 22.79 7.20 6.33
CA MET C 317 21.64 7.23 7.24
C MET C 317 21.62 6.02 8.15
N MET C 318 22.01 4.85 7.63
CA MET C 318 22.07 3.66 8.45
C MET C 318 23.09 3.81 9.58
N LEU C 319 24.24 4.40 9.27
CA LEU C 319 25.29 4.60 10.27
C LEU C 319 24.90 5.70 11.27
N VAL D 39 -32.79 -14.68 -2.70
CA VAL D 39 -31.75 -15.70 -2.65
C VAL D 39 -32.38 -17.08 -2.47
N GLN D 40 -31.93 -18.02 -3.30
CA GLN D 40 -32.43 -19.39 -3.22
C GLN D 40 -31.46 -20.32 -3.92
N LEU D 41 -31.42 -21.57 -3.44
CA LEU D 41 -30.58 -22.62 -4.02
C LEU D 41 -31.49 -23.75 -4.48
N VAL D 42 -31.28 -24.22 -5.71
CA VAL D 42 -32.10 -25.26 -6.30
C VAL D 42 -31.23 -26.48 -6.54
N GLU D 43 -31.69 -27.64 -6.07
CA GLU D 43 -30.91 -28.87 -6.16
C GLU D 43 -31.62 -29.85 -7.09
N SER D 44 -30.82 -30.56 -7.90
CA SER D 44 -31.34 -31.50 -8.89
C SER D 44 -30.52 -32.78 -8.86
N GLY D 45 -31.16 -33.87 -9.29
CA GLY D 45 -30.56 -35.18 -9.31
C GLY D 45 -31.40 -36.19 -8.52
N GLY D 46 -30.73 -37.24 -8.07
CA GLY D 46 -31.39 -38.24 -7.24
C GLY D 46 -32.32 -39.14 -8.04
N GLY D 47 -33.14 -39.89 -7.29
CA GLY D 47 -34.06 -40.84 -7.85
C GLY D 47 -33.78 -42.25 -7.38
N LEU D 48 -34.14 -43.23 -8.21
CA LEU D 48 -33.91 -44.63 -7.92
C LEU D 48 -32.67 -45.09 -8.68
N VAL D 49 -31.66 -45.56 -7.94
CA VAL D 49 -30.39 -45.98 -8.50
C VAL D 49 -30.10 -47.39 -8.03
N GLN D 50 -29.72 -48.27 -8.96
CA GLN D 50 -29.33 -49.62 -8.59
C GLN D 50 -28.01 -49.60 -7.82
N PRO D 51 -27.79 -50.57 -6.94
CA PRO D 51 -26.53 -50.61 -6.19
C PRO D 51 -25.33 -50.73 -7.12
N GLY D 52 -24.24 -50.07 -6.74
CA GLY D 52 -23.02 -50.07 -7.52
C GLY D 52 -22.96 -49.06 -8.64
N GLY D 53 -24.02 -48.27 -8.84
CA GLY D 53 -24.04 -47.29 -9.91
C GLY D 53 -23.36 -46.00 -9.53
N SER D 54 -23.41 -45.05 -10.45
CA SER D 54 -22.82 -43.73 -10.27
C SER D 54 -23.88 -42.66 -10.50
N ARG D 55 -23.89 -41.66 -9.62
CA ARG D 55 -24.89 -40.60 -9.67
C ARG D 55 -24.23 -39.24 -9.47
N LYS D 56 -24.83 -38.23 -10.08
CA LYS D 56 -24.36 -36.85 -9.98
C LYS D 56 -25.47 -35.97 -9.45
N LEU D 57 -25.18 -35.22 -8.39
CA LEU D 57 -26.12 -34.29 -7.77
C LEU D 57 -25.63 -32.87 -7.98
N SER D 58 -26.52 -31.98 -8.39
CA SER D 58 -26.17 -30.60 -8.75
C SER D 58 -26.87 -29.64 -7.82
N CYS D 59 -26.11 -28.68 -7.29
CA CYS D 59 -26.63 -27.59 -6.45
C CYS D 59 -26.39 -26.30 -7.21
N SER D 60 -27.46 -25.70 -7.72
CA SER D 60 -27.39 -24.47 -8.50
C SER D 60 -27.72 -23.29 -7.60
N ALA D 61 -26.81 -22.32 -7.55
CA ALA D 61 -26.95 -21.13 -6.72
C ALA D 61 -27.23 -19.92 -7.60
N SER D 62 -28.19 -19.11 -7.19
CA SER D 62 -28.56 -17.92 -7.94
C SER D 62 -29.12 -16.89 -6.97
N GLY D 63 -28.38 -15.80 -6.77
CA GLY D 63 -28.83 -14.74 -5.89
C GLY D 63 -27.77 -14.18 -4.97
N PHE D 64 -26.53 -14.65 -5.12
CA PHE D 64 -25.43 -14.16 -4.31
C PHE D 64 -24.12 -14.39 -5.05
N ALA D 65 -23.02 -13.99 -4.41
CA ALA D 65 -21.67 -14.17 -4.96
C ALA D 65 -21.19 -15.56 -4.59
N PHE D 66 -21.46 -16.52 -5.49
CA PHE D 66 -21.12 -17.91 -5.24
C PHE D 66 -19.62 -18.14 -5.08
N SER D 67 -18.79 -17.26 -5.64
CA SER D 67 -17.34 -17.46 -5.65
C SER D 67 -16.66 -16.99 -4.38
N SER D 68 -17.41 -16.44 -3.42
CA SER D 68 -16.84 -15.98 -2.15
C SER D 68 -17.30 -16.82 -0.97
N PHE D 69 -17.87 -18.00 -1.23
CA PHE D 69 -18.51 -18.81 -0.20
C PHE D 69 -17.94 -20.21 -0.20
N GLY D 70 -17.55 -20.69 0.98
CA GLY D 70 -17.31 -22.11 1.15
C GLY D 70 -18.61 -22.87 1.16
N MET D 71 -18.55 -24.13 0.73
CA MET D 71 -19.74 -24.96 0.62
C MET D 71 -19.54 -26.30 1.31
N HIS D 72 -20.63 -26.84 1.84
CA HIS D 72 -20.65 -28.15 2.49
C HIS D 72 -21.76 -28.98 1.88
N TRP D 73 -21.87 -30.22 2.35
CA TRP D 73 -22.96 -31.11 2.00
C TRP D 73 -23.35 -31.90 3.24
N VAL D 74 -24.63 -31.89 3.61
CA VAL D 74 -25.08 -32.49 4.86
C VAL D 74 -26.10 -33.56 4.56
N ARG D 75 -25.92 -34.74 5.15
CA ARG D 75 -26.80 -35.89 4.90
C ARG D 75 -27.66 -36.17 6.12
N GLN D 76 -28.94 -36.48 5.87
CA GLN D 76 -29.88 -36.83 6.92
C GLN D 76 -30.62 -38.10 6.52
N ALA D 77 -30.51 -39.14 7.34
CA ALA D 77 -31.22 -40.39 7.08
C ALA D 77 -32.71 -40.19 7.32
N PRO D 78 -33.55 -41.04 6.70
CA PRO D 78 -35.00 -40.91 6.92
C PRO D 78 -35.42 -41.06 8.36
N GLU D 79 -34.69 -41.85 9.15
CA GLU D 79 -35.04 -42.08 10.55
C GLU D 79 -33.95 -41.66 11.52
N LYS D 80 -32.87 -41.05 11.03
CA LYS D 80 -31.76 -40.62 11.87
C LYS D 80 -31.55 -39.11 11.71
N GLY D 81 -30.50 -38.60 12.35
CA GLY D 81 -30.20 -37.18 12.34
C GLY D 81 -29.32 -36.77 11.18
N LEU D 82 -28.76 -35.57 11.31
CA LEU D 82 -27.90 -35.00 10.27
C LEU D 82 -26.50 -35.61 10.34
N GLU D 83 -25.76 -35.44 9.25
CA GLU D 83 -24.39 -35.94 9.17
C GLU D 83 -23.64 -35.16 8.11
N TRP D 84 -22.42 -34.73 8.44
CA TRP D 84 -21.60 -33.97 7.50
C TRP D 84 -20.93 -34.92 6.52
N VAL D 85 -20.82 -34.48 5.26
CA VAL D 85 -20.39 -35.34 4.16
C VAL D 85 -19.06 -34.87 3.55
N ALA D 86 -19.00 -33.61 3.16
CA ALA D 86 -17.83 -33.11 2.44
C ALA D 86 -17.63 -31.65 2.79
N TYR D 87 -16.77 -30.96 2.02
CA TYR D 87 -16.41 -29.57 2.25
C TYR D 87 -15.62 -29.09 1.05
N ILE D 88 -15.74 -27.79 0.75
CA ILE D 88 -14.96 -27.18 -0.31
C ILE D 88 -14.85 -25.68 -0.01
N SER D 89 -13.68 -25.12 -0.29
CA SER D 89 -13.39 -23.75 0.05
C SER D 89 -13.86 -22.82 -1.07
N SER D 90 -13.60 -21.52 -0.92
CA SER D 90 -14.06 -20.54 -1.90
C SER D 90 -13.37 -20.72 -3.24
N GLY D 91 -12.05 -20.80 -3.22
CA GLY D 91 -11.27 -20.95 -4.46
C GLY D 91 -10.80 -22.36 -4.70
N SER D 92 -11.44 -23.32 -4.02
CA SER D 92 -11.10 -24.75 -4.13
C SER D 92 -9.66 -25.02 -3.71
N GLY D 93 -9.11 -24.17 -2.84
CA GLY D 93 -7.75 -24.38 -2.35
C GLY D 93 -7.62 -25.47 -1.31
N THR D 94 -8.71 -25.78 -0.60
CA THR D 94 -8.67 -26.78 0.46
C THR D 94 -9.94 -27.62 0.40
N ILE D 95 -9.79 -28.93 0.49
CA ILE D 95 -10.93 -29.86 0.49
C ILE D 95 -10.73 -30.89 1.60
N TYR D 96 -11.74 -31.02 2.45
CA TYR D 96 -11.78 -32.08 3.44
C TYR D 96 -12.77 -33.16 3.01
N TYR D 97 -12.84 -34.24 3.79
CA TYR D 97 -13.75 -35.33 3.47
C TYR D 97 -14.12 -36.07 4.73
N ALA D 98 -15.23 -36.80 4.67
CA ALA D 98 -15.70 -37.58 5.79
C ALA D 98 -14.86 -38.84 5.99
N ASP D 99 -14.82 -39.32 7.23
CA ASP D 99 -14.08 -40.55 7.51
C ASP D 99 -14.83 -41.79 7.03
N THR D 100 -16.16 -41.74 7.03
CA THR D 100 -16.94 -42.90 6.60
C THR D 100 -16.68 -43.23 5.13
N VAL D 101 -16.68 -42.20 4.28
CA VAL D 101 -16.45 -42.37 2.85
C VAL D 101 -15.38 -41.39 2.42
N LYS D 102 -14.38 -41.89 1.71
CA LYS D 102 -13.25 -41.04 1.29
C LYS D 102 -12.98 -41.09 -0.20
N GLY D 103 -13.12 -42.27 -0.82
CA GLY D 103 -12.85 -42.39 -2.24
C GLY D 103 -14.10 -42.58 -3.07
N ARG D 104 -15.25 -42.79 -2.41
CA ARG D 104 -16.50 -43.01 -3.12
C ARG D 104 -17.18 -41.71 -3.55
N PHE D 105 -16.77 -40.57 -2.99
CA PHE D 105 -17.40 -39.29 -3.28
C PHE D 105 -16.37 -38.32 -3.84
N THR D 106 -16.75 -37.62 -4.90
CA THR D 106 -15.94 -36.55 -5.49
C THR D 106 -16.74 -35.26 -5.49
N ILE D 107 -16.08 -34.16 -5.16
CA ILE D 107 -16.73 -32.85 -5.09
C ILE D 107 -16.09 -31.93 -6.11
N SER D 108 -16.89 -31.06 -6.71
CA SER D 108 -16.37 -30.11 -7.68
C SER D 108 -17.27 -28.88 -7.71
N ARG D 109 -16.73 -27.78 -8.21
CA ARG D 109 -17.47 -26.53 -8.32
C ARG D 109 -17.22 -25.91 -9.69
N ASP D 110 -18.17 -25.10 -10.13
CA ASP D 110 -18.07 -24.39 -11.40
C ASP D 110 -18.52 -22.95 -11.14
N ASP D 111 -17.53 -22.05 -11.06
CA ASP D 111 -17.83 -20.64 -10.79
C ASP D 111 -18.62 -19.97 -11.90
N PRO D 112 -18.22 -20.01 -13.18
CA PRO D 112 -18.94 -19.22 -14.19
C PRO D 112 -20.40 -19.63 -14.35
N LYS D 113 -20.72 -20.91 -14.18
CA LYS D 113 -22.11 -21.35 -14.20
C LYS D 113 -22.72 -21.39 -12.79
N ASN D 114 -21.92 -21.20 -11.75
CA ASN D 114 -22.38 -21.21 -10.36
C ASN D 114 -23.12 -22.50 -10.04
N THR D 115 -22.38 -23.61 -10.12
CA THR D 115 -22.98 -24.92 -9.88
C THR D 115 -22.01 -25.81 -9.13
N LEU D 116 -22.51 -26.49 -8.09
CA LEU D 116 -21.71 -27.40 -7.28
C LEU D 116 -22.12 -28.84 -7.61
N PHE D 117 -21.14 -29.67 -7.92
CA PHE D 117 -21.37 -31.04 -8.35
C PHE D 117 -20.83 -32.03 -7.33
N LEU D 118 -21.63 -33.05 -7.04
CA LEU D 118 -21.21 -34.16 -6.20
C LEU D 118 -21.39 -35.45 -6.99
N GLN D 119 -20.31 -36.22 -7.13
CA GLN D 119 -20.29 -37.46 -7.88
C GLN D 119 -20.10 -38.63 -6.92
N MET D 120 -20.98 -39.62 -7.00
CA MET D 120 -20.90 -40.81 -6.17
C MET D 120 -20.77 -42.04 -7.06
N THR D 121 -19.81 -42.90 -6.73
CA THR D 121 -19.61 -44.15 -7.45
C THR D 121 -19.46 -45.29 -6.45
N SER D 122 -19.89 -46.47 -6.88
CA SER D 122 -19.86 -47.67 -6.04
C SER D 122 -20.58 -47.45 -4.72
N LEU D 123 -21.74 -46.79 -4.79
CA LEU D 123 -22.51 -46.49 -3.59
C LEU D 123 -23.09 -47.76 -2.98
N ARG D 124 -23.11 -47.82 -1.66
CA ARG D 124 -23.66 -48.95 -0.94
C ARG D 124 -25.13 -48.70 -0.63
N SER D 125 -25.73 -49.55 0.21
CA SER D 125 -27.12 -49.38 0.59
C SER D 125 -27.32 -48.34 1.68
N GLU D 126 -26.24 -47.91 2.34
CA GLU D 126 -26.36 -46.91 3.40
C GLU D 126 -26.60 -45.51 2.84
N ASP D 127 -26.01 -45.20 1.69
CA ASP D 127 -26.14 -43.87 1.08
C ASP D 127 -27.46 -43.78 0.32
N THR D 128 -28.55 -43.70 1.09
CA THR D 128 -29.90 -43.61 0.57
C THR D 128 -30.69 -42.54 1.32
N ALA D 129 -30.03 -41.46 1.69
CA ALA D 129 -30.60 -40.46 2.59
C ALA D 129 -30.76 -39.12 1.87
N MET D 130 -31.36 -38.17 2.58
CA MET D 130 -31.54 -36.82 2.07
C MET D 130 -30.22 -36.05 2.09
N TYR D 131 -29.98 -35.26 1.05
CA TYR D 131 -28.78 -34.45 0.92
C TYR D 131 -29.15 -32.98 0.87
N TYR D 132 -28.36 -32.15 1.57
CA TYR D 132 -28.64 -30.73 1.72
C TYR D 132 -27.40 -29.92 1.35
N CYS D 133 -27.62 -28.83 0.62
CA CYS D 133 -26.56 -27.95 0.14
C CYS D 133 -26.47 -26.76 1.10
N VAL D 134 -25.28 -26.52 1.66
CA VAL D 134 -25.09 -25.54 2.70
C VAL D 134 -23.98 -24.57 2.30
N ARG D 135 -24.26 -23.28 2.41
CA ARG D 135 -23.30 -22.20 2.28
C ARG D 135 -22.65 -21.89 3.62
N SER D 136 -21.47 -21.27 3.56
CA SER D 136 -20.78 -20.80 4.76
C SER D 136 -19.64 -19.88 4.39
N ILE D 137 -19.54 -18.72 5.04
CA ILE D 137 -18.48 -17.77 4.79
C ILE D 137 -17.75 -17.50 6.10
N TYR D 138 -16.43 -17.57 6.08
CA TYR D 138 -15.60 -17.48 7.27
C TYR D 138 -14.77 -16.20 7.23
N TYR D 139 -15.08 -15.27 8.13
CA TYR D 139 -14.19 -14.16 8.44
C TYR D 139 -14.58 -13.66 9.83
N TYR D 140 -13.81 -12.70 10.35
CA TYR D 140 -14.03 -12.23 11.71
C TYR D 140 -15.44 -11.68 11.88
N GLY D 141 -16.26 -12.36 12.67
CA GLY D 141 -17.61 -11.93 12.92
C GLY D 141 -18.65 -12.47 11.97
N SER D 142 -18.33 -13.50 11.19
CA SER D 142 -19.26 -14.03 10.20
C SER D 142 -20.30 -14.94 10.87
N SER D 143 -21.22 -15.44 10.06
CA SER D 143 -22.32 -16.29 10.52
C SER D 143 -22.40 -17.53 9.67
N PRO D 144 -21.53 -18.52 9.92
CA PRO D 144 -21.52 -19.73 9.10
C PRO D 144 -22.78 -20.57 9.29
N PHE D 145 -23.07 -21.38 8.27
CA PHE D 145 -24.14 -22.37 8.29
C PHE D 145 -25.51 -21.72 8.51
N ASP D 146 -25.87 -20.81 7.62
CA ASP D 146 -27.09 -20.04 7.76
C ASP D 146 -28.21 -20.50 6.82
N PHE D 147 -27.96 -20.51 5.51
CA PHE D 147 -28.99 -20.84 4.54
C PHE D 147 -28.81 -22.25 4.01
N TRP D 148 -29.90 -23.01 3.99
CA TRP D 148 -29.88 -24.41 3.60
C TRP D 148 -30.76 -24.61 2.36
N GLY D 149 -30.34 -25.52 1.50
CA GLY D 149 -31.09 -25.83 0.29
C GLY D 149 -32.30 -26.71 0.59
N GLN D 150 -33.09 -26.93 -0.48
CA GLN D 150 -34.29 -27.74 -0.34
C GLN D 150 -33.97 -29.23 -0.23
N GLY D 151 -33.02 -29.70 -1.02
CA GLY D 151 -32.62 -31.11 -0.95
C GLY D 151 -33.35 -31.98 -1.95
N THR D 152 -32.68 -33.06 -2.35
CA THR D 152 -33.22 -34.03 -3.28
C THR D 152 -33.08 -35.44 -2.70
N THR D 153 -34.14 -36.23 -2.85
CA THR D 153 -34.15 -37.57 -2.30
C THR D 153 -33.27 -38.51 -3.12
N LEU D 154 -32.92 -39.65 -2.52
CA LEU D 154 -32.11 -40.66 -3.19
C LEU D 154 -32.38 -42.01 -2.53
N THR D 155 -32.88 -42.96 -3.32
CA THR D 155 -33.20 -44.29 -2.83
C THR D 155 -32.41 -45.34 -3.62
N VAL D 156 -31.84 -46.30 -2.90
CA VAL D 156 -31.08 -47.37 -3.54
C VAL D 156 -31.86 -48.68 -3.43
N SER D 173 -13.20 -42.58 16.23
CA SER D 173 -11.87 -42.77 16.81
C SER D 173 -11.55 -41.63 17.77
N ALA D 174 -10.68 -40.72 17.34
CA ALA D 174 -10.26 -39.58 18.15
C ALA D 174 -11.16 -38.37 17.96
N ASP D 175 -12.19 -38.46 17.13
CA ASP D 175 -13.08 -37.33 16.91
C ASP D 175 -13.96 -37.09 18.13
N ILE D 176 -14.39 -35.84 18.28
CA ILE D 176 -15.23 -35.46 19.41
C ILE D 176 -16.67 -35.88 19.13
N VAL D 177 -17.28 -36.58 20.07
CA VAL D 177 -18.66 -37.03 19.97
C VAL D 177 -19.54 -36.16 20.85
N MET D 178 -20.75 -35.87 20.38
CA MET D 178 -21.68 -35.00 21.06
C MET D 178 -22.99 -35.75 21.28
N THR D 179 -23.61 -35.55 22.44
CA THR D 179 -24.81 -36.29 22.80
C THR D 179 -25.88 -35.36 23.34
N GLN D 180 -27.12 -35.83 23.27
CA GLN D 180 -28.28 -35.12 23.79
C GLN D 180 -28.95 -35.95 24.87
N ALA D 181 -29.32 -35.30 25.97
CA ALA D 181 -29.86 -36.02 27.12
C ALA D 181 -31.23 -36.63 26.82
N THR D 182 -32.13 -35.83 26.25
CA THR D 182 -33.49 -36.25 26.01
C THR D 182 -33.73 -36.50 24.52
N SER D 183 -34.91 -37.01 24.20
CA SER D 183 -35.27 -37.29 22.82
C SER D 183 -36.63 -36.69 22.48
N SER D 184 -37.50 -36.55 23.48
CA SER D 184 -38.83 -35.98 23.27
C SER D 184 -39.44 -35.56 24.60
N VAL D 185 -39.91 -34.31 24.68
CA VAL D 185 -40.53 -33.78 25.89
C VAL D 185 -41.85 -33.13 25.54
N PRO D 186 -42.82 -33.10 26.46
CA PRO D 186 -44.07 -32.39 26.19
C PRO D 186 -44.00 -30.94 26.66
N VAL D 187 -44.59 -30.05 25.85
CA VAL D 187 -44.55 -28.61 26.09
C VAL D 187 -45.95 -28.04 25.93
N THR D 188 -46.12 -26.83 26.46
CA THR D 188 -47.37 -26.09 26.40
C THR D 188 -47.12 -24.71 25.81
N PRO D 189 -48.12 -24.12 25.14
CA PRO D 189 -47.90 -22.82 24.48
C PRO D 189 -47.80 -21.68 25.46
N GLY D 190 -46.61 -21.45 26.01
CA GLY D 190 -46.40 -20.34 26.94
C GLY D 190 -45.42 -20.64 28.04
N GLU D 191 -44.99 -21.90 28.16
CA GLU D 191 -44.05 -22.29 29.20
C GLU D 191 -42.61 -22.02 28.74
N SER D 192 -41.67 -22.26 29.65
CA SER D 192 -40.25 -22.10 29.38
C SER D 192 -39.63 -23.46 29.09
N VAL D 193 -38.74 -23.49 28.10
CA VAL D 193 -38.18 -24.75 27.60
C VAL D 193 -36.66 -24.68 27.70
N SER D 194 -36.04 -25.77 28.18
CA SER D 194 -34.60 -25.88 28.25
C SER D 194 -34.15 -27.17 27.58
N ILE D 195 -33.12 -27.08 26.74
CA ILE D 195 -32.57 -28.22 26.02
C ILE D 195 -31.09 -28.31 26.35
N SER D 196 -30.62 -29.52 26.66
CA SER D 196 -29.26 -29.76 27.11
C SER D 196 -28.47 -30.54 26.07
N CYS D 197 -27.19 -30.17 25.92
CA CYS D 197 -26.27 -30.83 25.01
C CYS D 197 -24.97 -31.10 25.76
N ARG D 198 -24.38 -32.27 25.55
CA ARG D 198 -23.17 -32.67 26.24
C ARG D 198 -22.05 -32.98 25.25
N SER D 199 -20.86 -32.53 25.56
CA SER D 199 -19.69 -32.69 24.72
C SER D 199 -18.69 -33.62 25.38
N SER D 200 -17.93 -34.36 24.56
CA SER D 200 -16.91 -35.26 25.06
C SER D 200 -15.58 -34.56 25.33
N LYS D 201 -15.44 -33.30 24.94
CA LYS D 201 -14.22 -32.54 25.20
C LYS D 201 -14.57 -31.07 25.31
N SER D 202 -13.67 -30.32 25.95
CA SER D 202 -13.86 -28.88 26.11
C SER D 202 -13.74 -28.20 24.75
N LEU D 203 -14.80 -27.53 24.32
CA LEU D 203 -14.81 -26.87 23.02
C LEU D 203 -14.20 -25.47 23.06
N LEU D 204 -14.04 -24.89 24.24
CA LEU D 204 -13.46 -23.57 24.35
C LEU D 204 -12.00 -23.59 23.91
N HIS D 205 -11.62 -22.60 23.11
CA HIS D 205 -10.30 -22.54 22.47
C HIS D 205 -9.44 -21.48 23.14
N SER D 206 -8.18 -21.40 22.69
CA SER D 206 -7.25 -20.44 23.26
C SER D 206 -7.69 -19.00 23.00
N ASN D 207 -8.19 -18.72 21.80
CA ASN D 207 -8.61 -17.35 21.49
C ASN D 207 -9.81 -16.93 22.33
N GLY D 208 -10.76 -17.84 22.54
CA GLY D 208 -11.92 -17.54 23.35
C GLY D 208 -13.22 -18.01 22.75
N ASN D 209 -13.19 -18.40 21.48
CA ASN D 209 -14.39 -18.85 20.81
C ASN D 209 -14.84 -20.20 21.34
N THR D 210 -16.16 -20.38 21.42
CA THR D 210 -16.78 -21.63 21.85
C THR D 210 -17.61 -22.14 20.68
N TYR D 211 -16.99 -22.96 19.83
CA TYR D 211 -17.61 -23.36 18.57
C TYR D 211 -18.73 -24.37 18.79
N LEU D 212 -19.98 -23.90 18.88
CA LEU D 212 -21.13 -24.78 18.91
C LEU D 212 -22.30 -24.06 18.26
N TYR D 213 -23.12 -24.83 17.55
CA TYR D 213 -24.23 -24.30 16.76
C TYR D 213 -25.51 -25.04 17.05
N TRP D 214 -26.62 -24.32 16.96
CA TRP D 214 -27.96 -24.88 17.08
C TRP D 214 -28.72 -24.59 15.80
N PHE D 215 -29.47 -25.57 15.30
CA PHE D 215 -30.12 -25.46 14.00
C PHE D 215 -31.63 -25.40 14.08
N LEU D 216 -32.27 -26.34 14.78
CA LEU D 216 -33.71 -26.27 15.09
C LEU D 216 -34.55 -26.25 13.80
N GLN D 217 -34.48 -27.35 13.07
CA GLN D 217 -35.30 -27.49 11.87
C GLN D 217 -36.78 -27.59 12.23
N ARG D 218 -37.61 -27.52 11.21
CA ARG D 218 -39.06 -27.60 11.35
C ARG D 218 -39.59 -28.86 10.66
N PRO D 219 -40.76 -29.37 11.09
CA PRO D 219 -41.27 -30.62 10.51
C PRO D 219 -41.85 -30.43 9.12
N GLY D 220 -41.00 -30.43 8.11
CA GLY D 220 -41.44 -30.30 6.74
C GLY D 220 -40.70 -29.22 5.97
N GLN D 221 -39.69 -28.63 6.61
CA GLN D 221 -38.89 -27.57 6.00
C GLN D 221 -37.42 -27.84 6.24
N SER D 222 -36.58 -27.05 5.57
CA SER D 222 -35.14 -27.18 5.69
C SER D 222 -34.66 -26.60 7.02
N PRO D 223 -33.53 -27.09 7.53
CA PRO D 223 -33.01 -26.56 8.80
C PRO D 223 -32.59 -25.11 8.67
N GLN D 224 -32.65 -24.41 9.80
CA GLN D 224 -32.26 -23.01 9.90
C GLN D 224 -31.08 -22.88 10.86
N LEU D 225 -30.71 -21.65 11.18
CA LEU D 225 -29.66 -21.36 12.16
C LEU D 225 -30.24 -20.46 13.24
N LEU D 226 -29.94 -20.80 14.50
CA LEU D 226 -30.45 -20.06 15.64
C LEU D 226 -29.32 -19.38 16.42
N ILE D 227 -28.33 -20.14 16.87
CA ILE D 227 -27.21 -19.61 17.64
C ILE D 227 -25.92 -20.10 17.03
N TYR D 228 -24.96 -19.20 16.83
CA TYR D 228 -23.64 -19.56 16.34
C TYR D 228 -22.59 -19.13 17.34
N ARG D 229 -21.60 -20.00 17.56
CA ARG D 229 -20.53 -19.80 18.53
C ARG D 229 -21.05 -19.67 19.96
N MET D 230 -22.14 -20.38 20.25
CA MET D 230 -22.68 -20.70 21.57
C MET D 230 -23.34 -19.50 22.25
N SER D 231 -23.16 -18.28 21.76
CA SER D 231 -23.79 -17.12 22.39
C SER D 231 -24.46 -16.16 21.44
N ASN D 232 -24.04 -16.08 20.18
CA ASN D 232 -24.52 -15.05 19.27
C ASN D 232 -25.82 -15.48 18.60
N LEU D 233 -26.81 -14.59 18.64
CA LEU D 233 -28.09 -14.85 18.00
C LEU D 233 -27.96 -14.75 16.48
N ALA D 234 -28.87 -15.42 15.78
CA ALA D 234 -28.91 -15.38 14.33
C ALA D 234 -29.54 -14.07 13.87
N SER D 235 -29.78 -13.95 12.56
CA SER D 235 -30.29 -12.70 12.02
C SER D 235 -31.81 -12.60 12.16
N GLY D 236 -32.55 -13.52 11.54
CA GLY D 236 -33.99 -13.41 11.46
C GLY D 236 -34.79 -14.01 12.59
N VAL D 237 -34.16 -14.79 13.47
CA VAL D 237 -34.86 -15.45 14.57
C VAL D 237 -35.35 -14.41 15.56
N PRO D 238 -36.49 -14.62 16.23
CA PRO D 238 -36.97 -13.63 17.18
C PRO D 238 -36.09 -13.56 18.42
N ASP D 239 -36.11 -12.40 19.07
CA ASP D 239 -35.24 -12.13 20.21
C ASP D 239 -35.82 -12.69 21.51
N ARG D 240 -36.03 -14.01 21.51
CA ARG D 240 -36.47 -14.71 22.71
C ARG D 240 -35.70 -16.00 22.98
N PHE D 241 -34.97 -16.53 22.00
CA PHE D 241 -34.11 -17.67 22.25
C PHE D 241 -32.83 -17.23 22.97
N SER D 242 -32.21 -18.16 23.67
CA SER D 242 -30.94 -17.86 24.33
C SER D 242 -30.15 -19.15 24.48
N GLY D 243 -28.85 -18.99 24.67
CA GLY D 243 -27.98 -20.14 24.88
C GLY D 243 -26.89 -19.79 25.87
N SER D 244 -26.40 -20.83 26.55
CA SER D 244 -25.33 -20.65 27.52
C SER D 244 -24.57 -21.97 27.69
N GLY D 245 -23.41 -21.88 28.31
CA GLY D 245 -22.60 -23.06 28.52
C GLY D 245 -21.40 -22.72 29.38
N SER D 246 -20.62 -23.77 29.68
CA SER D 246 -19.42 -23.64 30.51
C SER D 246 -18.17 -24.22 29.88
N GLY D 247 -18.28 -25.03 28.82
CA GLY D 247 -17.12 -25.61 28.19
C GLY D 247 -17.31 -27.06 27.81
N THR D 248 -18.14 -27.77 28.57
CA THR D 248 -18.43 -29.18 28.29
C THR D 248 -19.91 -29.46 28.15
N ALA D 249 -20.75 -28.80 28.95
CA ALA D 249 -22.20 -28.95 28.88
C ALA D 249 -22.83 -27.61 28.54
N PHE D 250 -23.81 -27.63 27.63
CA PHE D 250 -24.43 -26.41 27.14
C PHE D 250 -25.95 -26.57 27.20
N THR D 251 -26.64 -25.43 27.27
CA THR D 251 -28.09 -25.42 27.32
C THR D 251 -28.63 -24.29 26.45
N LEU D 252 -29.84 -24.49 25.95
CA LEU D 252 -30.55 -23.50 25.16
C LEU D 252 -31.93 -23.31 25.77
N THR D 253 -32.32 -22.05 25.96
CA THR D 253 -33.55 -21.70 26.67
C THR D 253 -34.48 -20.91 25.76
N ILE D 254 -35.76 -21.26 25.82
CA ILE D 254 -36.82 -20.53 25.13
C ILE D 254 -37.78 -20.02 26.21
N SER D 255 -37.97 -18.70 26.24
CA SER D 255 -38.82 -18.10 27.27
C SER D 255 -40.29 -18.33 26.99
N ARG D 256 -40.76 -17.82 25.85
CA ARG D 256 -42.15 -17.99 25.46
C ARG D 256 -42.29 -19.27 24.64
N LEU D 257 -43.44 -19.45 23.97
CA LEU D 257 -43.62 -20.60 23.10
C LEU D 257 -44.82 -20.33 22.21
N GLU D 258 -44.65 -20.58 20.91
CA GLU D 258 -45.71 -20.40 19.93
C GLU D 258 -45.87 -21.68 19.12
N ALA D 259 -46.87 -21.69 18.23
CA ALA D 259 -47.15 -22.88 17.44
C ALA D 259 -46.07 -23.14 16.39
N GLU D 260 -45.25 -22.15 16.07
CA GLU D 260 -44.20 -22.32 15.07
C GLU D 260 -42.92 -22.91 15.65
N ASP D 261 -42.81 -23.05 16.97
CA ASP D 261 -41.61 -23.58 17.60
C ASP D 261 -41.55 -25.10 17.60
N VAL D 262 -42.60 -25.78 17.12
CA VAL D 262 -42.60 -27.23 17.06
C VAL D 262 -41.56 -27.69 16.04
N GLY D 263 -40.73 -28.64 16.45
CA GLY D 263 -39.70 -29.15 15.56
C GLY D 263 -38.67 -29.96 16.33
N VAL D 264 -37.53 -30.19 15.69
CA VAL D 264 -36.43 -30.96 16.26
C VAL D 264 -35.24 -30.02 16.42
N TYR D 265 -34.64 -30.04 17.61
CA TYR D 265 -33.52 -29.16 17.94
C TYR D 265 -32.22 -29.95 17.84
N TYR D 266 -31.23 -29.38 17.18
CA TYR D 266 -29.99 -30.07 16.87
C TYR D 266 -28.79 -29.34 17.46
N CYS D 267 -27.73 -30.11 17.70
CA CYS D 267 -26.51 -29.63 18.33
C CYS D 267 -25.33 -29.98 17.44
N MET D 268 -24.49 -28.99 17.15
CA MET D 268 -23.35 -29.21 16.27
C MET D 268 -22.09 -28.58 16.86
N GLN D 269 -20.95 -29.21 16.59
CA GLN D 269 -19.65 -28.68 16.98
C GLN D 269 -18.83 -28.40 15.72
N HIS D 270 -18.02 -27.34 15.79
CA HIS D 270 -17.15 -26.97 14.68
C HIS D 270 -15.77 -26.59 15.19
N LEU D 271 -15.12 -27.45 16.02
CA LEU D 271 -13.73 -27.17 16.62
C LEU D 271 -12.56 -27.85 15.98
N GLU D 272 -12.85 -28.90 15.22
CA GLU D 272 -11.80 -29.62 14.51
C GLU D 272 -12.34 -29.89 13.11
N TYR D 273 -11.59 -30.63 12.29
CA TYR D 273 -12.05 -30.94 10.93
C TYR D 273 -13.39 -31.72 10.90
N PRO D 274 -13.57 -32.80 11.71
CA PRO D 274 -14.88 -33.46 11.63
C PRO D 274 -15.99 -32.59 12.20
N LEU D 275 -17.17 -32.64 11.61
CA LEU D 275 -18.31 -31.89 12.16
C LEU D 275 -19.31 -32.92 12.63
N THR D 276 -19.36 -33.17 13.93
CA THR D 276 -20.24 -34.19 14.45
C THR D 276 -21.49 -33.57 15.06
N PHE D 277 -22.64 -34.20 14.80
CA PHE D 277 -23.88 -33.69 15.35
C PHE D 277 -24.40 -34.37 16.58
N GLY D 278 -25.66 -34.09 16.94
CA GLY D 278 -26.29 -34.77 18.05
C GLY D 278 -27.26 -35.84 17.59
N ALA D 279 -28.30 -36.04 18.39
CA ALA D 279 -29.35 -37.01 18.06
C ALA D 279 -30.66 -36.35 17.68
N GLY D 280 -31.10 -35.35 18.43
CA GLY D 280 -32.36 -34.68 18.16
C GLY D 280 -33.24 -34.63 19.39
N THR D 281 -34.14 -33.65 19.42
CA THR D 281 -35.07 -33.46 20.54
C THR D 281 -36.39 -32.96 19.97
N LYS D 282 -37.30 -33.89 19.73
CA LYS D 282 -38.62 -33.52 19.20
C LYS D 282 -39.46 -32.87 20.29
N LEU D 283 -40.28 -31.90 19.89
CA LEU D 283 -41.23 -31.25 20.78
C LEU D 283 -42.63 -31.46 20.26
N GLU D 284 -43.56 -31.79 21.17
CA GLU D 284 -44.94 -32.02 20.79
C GLU D 284 -45.88 -31.11 21.55
N LEU E 15 -24.32 39.48 10.39
CA LEU E 15 -22.98 39.44 10.98
C LEU E 15 -22.97 40.17 12.31
N VAL E 16 -23.66 41.30 12.37
CA VAL E 16 -23.75 42.06 13.62
C VAL E 16 -24.50 41.26 14.68
N GLU E 17 -25.60 40.62 14.28
CA GLU E 17 -26.33 39.76 15.21
C GLU E 17 -25.48 38.58 15.67
N GLN E 18 -24.69 38.02 14.75
CA GLN E 18 -23.79 36.93 15.12
C GLN E 18 -22.76 37.39 16.13
N LEU E 19 -22.20 38.59 15.95
CA LEU E 19 -21.25 39.12 16.92
C LEU E 19 -21.91 39.39 18.27
N LYS E 20 -23.15 39.88 18.25
CA LYS E 20 -23.87 40.11 19.49
C LYS E 20 -24.10 38.80 20.24
N MET E 21 -24.50 37.75 19.52
CA MET E 21 -24.67 36.43 20.12
C MET E 21 -23.35 35.91 20.66
N GLU E 22 -22.26 36.13 19.92
CA GLU E 22 -20.93 35.71 20.37
C GLU E 22 -20.55 36.38 21.68
N ALA E 23 -20.80 37.69 21.78
CA ALA E 23 -20.44 38.44 22.98
C ALA E 23 -21.42 38.23 24.13
N ASN E 24 -22.62 37.71 23.85
CA ASN E 24 -23.63 37.54 24.89
C ASN E 24 -23.28 36.43 25.87
N ILE E 25 -22.39 35.51 25.49
CA ILE E 25 -22.10 34.37 26.36
C ILE E 25 -21.30 34.82 27.58
N ASP E 26 -21.38 34.03 28.64
CA ASP E 26 -20.64 34.26 29.87
C ASP E 26 -19.38 33.41 29.89
N ARG E 27 -18.45 33.76 30.79
CA ARG E 27 -17.17 33.09 30.90
C ARG E 27 -16.92 32.72 32.36
N ILE E 28 -15.94 31.84 32.56
CA ILE E 28 -15.56 31.36 33.88
C ILE E 28 -14.06 31.59 34.07
N LYS E 29 -13.60 31.36 35.29
CA LYS E 29 -12.18 31.51 35.61
C LYS E 29 -11.35 30.45 34.89
N VAL E 30 -10.11 30.81 34.57
CA VAL E 30 -9.22 29.89 33.85
C VAL E 30 -8.53 28.89 34.77
N SER E 31 -8.64 29.05 36.08
CA SER E 31 -8.04 28.11 37.01
C SER E 31 -8.96 26.95 37.32
N LYS E 32 -10.27 27.18 37.35
CA LYS E 32 -11.21 26.08 37.57
C LYS E 32 -11.15 25.07 36.43
N ALA E 33 -10.99 25.54 35.19
CA ALA E 33 -10.83 24.62 34.07
C ALA E 33 -9.58 23.78 34.21
N ALA E 34 -8.46 24.40 34.60
CA ALA E 34 -7.23 23.65 34.81
C ALA E 34 -7.40 22.62 35.92
N ALA E 35 -8.08 23.00 37.00
CA ALA E 35 -8.33 22.06 38.09
C ALA E 35 -9.17 20.88 37.62
N ASP E 36 -10.20 21.15 36.82
CA ASP E 36 -11.04 20.07 36.30
C ASP E 36 -10.23 19.14 35.41
N LEU E 37 -9.43 19.70 34.51
CA LEU E 37 -8.63 18.87 33.61
C LEU E 37 -7.64 18.00 34.39
N MET E 38 -6.94 18.60 35.35
CA MET E 38 -5.96 17.81 36.11
C MET E 38 -6.65 16.77 36.99
N ALA E 39 -7.83 17.09 37.53
CA ALA E 39 -8.58 16.11 38.32
C ALA E 39 -8.99 14.92 37.47
N TYR E 40 -9.51 15.16 36.26
CA TYR E 40 -9.87 14.06 35.38
C TYR E 40 -8.64 13.24 35.01
N CYS E 41 -7.53 13.92 34.70
CA CYS E 41 -6.32 13.21 34.32
C CYS E 41 -5.81 12.32 35.45
N GLU E 42 -5.78 12.84 36.68
CA GLU E 42 -5.29 12.03 37.78
C GLU E 42 -6.29 10.93 38.17
N ALA E 43 -7.58 11.15 37.88
CA ALA E 43 -8.57 10.12 38.16
C ALA E 43 -8.41 8.93 37.22
N HIS E 44 -8.22 9.19 35.93
CA HIS E 44 -8.18 8.13 34.94
C HIS E 44 -6.77 7.78 34.47
N ALA E 45 -5.73 8.25 35.17
CA ALA E 45 -4.36 8.05 34.69
C ALA E 45 -3.92 6.60 34.82
N LYS E 46 -4.15 5.99 35.99
CA LYS E 46 -3.51 4.72 36.32
C LYS E 46 -4.17 3.51 35.70
N GLU E 47 -5.36 3.65 35.11
CA GLU E 47 -6.14 2.52 34.67
C GLU E 47 -6.03 2.20 33.18
N ASP E 48 -5.18 2.91 32.44
CA ASP E 48 -5.17 2.71 30.99
C ASP E 48 -3.77 2.45 30.47
N PRO E 49 -3.66 1.62 29.42
CA PRO E 49 -2.34 1.06 29.05
C PRO E 49 -1.29 2.09 28.63
N LEU E 50 -1.68 3.16 27.95
CA LEU E 50 -0.68 4.03 27.32
C LEU E 50 0.22 4.69 28.35
N LEU E 51 -0.34 5.14 29.47
CA LEU E 51 0.48 5.78 30.49
C LEU E 51 1.15 4.74 31.39
N THR E 52 0.37 3.83 31.96
CA THR E 52 0.90 2.80 32.84
C THR E 52 1.13 1.53 32.03
N PRO E 53 2.38 1.06 31.91
CA PRO E 53 2.64 -0.15 31.11
C PRO E 53 1.88 -1.35 31.65
N VAL E 54 1.04 -1.93 30.80
CA VAL E 54 0.24 -3.10 31.13
C VAL E 54 1.18 -4.30 31.23
N PRO E 55 0.94 -5.26 32.14
CA PRO E 55 1.73 -6.49 32.12
C PRO E 55 1.54 -7.24 30.82
N ALA E 56 2.61 -7.94 30.40
CA ALA E 56 2.63 -8.57 29.08
C ALA E 56 1.59 -9.67 28.93
N SER E 57 1.02 -10.15 30.03
CA SER E 57 0.00 -11.19 29.92
C SER E 57 -1.32 -10.63 29.41
N GLU E 58 -1.65 -9.40 29.79
CA GLU E 58 -2.97 -8.85 29.48
C GLU E 58 -3.08 -8.38 28.03
N ASN E 59 -2.07 -7.69 27.51
CA ASN E 59 -2.20 -7.09 26.19
C ASN E 59 -2.23 -8.16 25.09
N PRO E 60 -2.98 -7.93 24.02
CA PRO E 60 -3.06 -8.92 22.94
C PRO E 60 -1.95 -8.82 21.92
N PHE E 61 -1.14 -7.76 21.95
CA PHE E 61 -0.05 -7.57 21.00
C PHE E 61 1.24 -8.03 21.69
N ARG E 62 1.64 -9.27 21.42
CA ARG E 62 2.83 -9.83 22.06
C ARG E 62 3.85 -10.29 21.02
N GLU E 63 3.37 -10.88 19.93
CA GLU E 63 4.23 -11.40 18.86
C GLU E 63 5.26 -12.40 19.40
C1' PEA F . 39.57 -18.79 -13.94
C6' PEA F . 38.29 -18.72 -14.46
C5' PEA F . 37.98 -19.41 -15.63
C4' PEA F . 38.97 -20.15 -16.27
C3' PEA F . 40.25 -20.21 -15.75
C2' PEA F . 40.54 -19.53 -14.57
C2 PEA F . 39.90 -18.03 -12.66
C1 PEA F . 41.37 -18.17 -12.25
N PEA F . 41.67 -17.30 -11.13
#